data_7MGJ
#
_entry.id   7MGJ
#
_cell.length_a   84.183
_cell.length_b   91.623
_cell.length_c   88.154
_cell.angle_alpha   93.330
_cell.angle_beta   117.690
_cell.angle_gamma   113.540
#
_symmetry.space_group_name_H-M   'P 1'
#
loop_
_entity.id
_entity.type
_entity.pdbx_description
1 polymer 'Serine/threonine-protein kinase TNNI3K'
2 non-polymer N-methyl-4-[4-({[3-(trifluoromethyl)phenyl]carbamoyl}amino)phenoxy]pyridine-2-carboxamide
3 water water
#
_entity_poly.entity_id   1
_entity_poly.type   'polypeptide(L)'
_entity_poly.pdbx_seq_one_letter_code
;GKHYKRPQDELPCNEYSQPGGDGSYVSVPSPLGKIKSMTKEKADILLLRAGLPSHFHLQLSEIEFHEIIGSGSFGKVYKG
RCRNKIVAIKRYRANTYCSKSDVDMFCREVSILCQLNHPCVIQFVGACLNDPSQFAIVTQYISGGSLFSLLHEQKRILDL
QSKLIIAVDVAKGMEYLHNLTQPIIHRDLNSHNILLYEDGHAVVADFGESRFLQSLDEDNMTKQPGNLRWMAPEVFTQCT
RYTIKADVFSYALCLWEILTGEIPFAHLKPAAAAADMAYHHIRPPIGYSIPKPISSLLIRGWNACPEGRPEFSEVVMKLE
ECLCNIELMS
;
_entity_poly.pdbx_strand_id   A,B,C,D
#
loop_
_chem_comp.id
_chem_comp.type
_chem_comp.name
_chem_comp.formula
ZFS non-polymer N-methyl-4-[4-({[3-(trifluoromethyl)phenyl]carbamoyl}amino)phenoxy]pyridine-2-carboxamide 'C21 H17 F3 N4 O3'
#
# COMPACT_ATOMS: atom_id res chain seq x y z
N ILE A 45 -41.60 13.29 -4.66
CA ILE A 45 -41.58 14.20 -3.51
C ILE A 45 -42.66 13.80 -2.52
N LEU A 46 -43.85 13.57 -3.04
CA LEU A 46 -44.96 13.00 -2.26
C LEU A 46 -44.68 11.51 -2.06
N LEU A 47 -43.77 10.97 -2.88
CA LEU A 47 -43.35 9.57 -2.77
C LEU A 47 -42.72 9.34 -1.41
N LEU A 48 -42.13 10.41 -0.90
CA LEU A 48 -41.55 10.41 0.42
C LEU A 48 -42.68 10.36 1.45
N ARG A 49 -43.70 11.22 1.25
CA ARG A 49 -44.85 11.34 2.15
C ARG A 49 -45.55 10.02 2.38
N ALA A 50 -45.56 9.18 1.36
CA ALA A 50 -46.20 7.88 1.47
C ALA A 50 -45.27 6.88 2.12
N GLY A 51 -43.98 6.97 1.76
CA GLY A 51 -42.96 6.06 2.25
C GLY A 51 -42.57 6.25 3.70
N LEU A 52 -42.76 7.46 4.21
CA LEU A 52 -42.42 7.79 5.59
C LEU A 52 -43.45 7.22 6.58
N PRO A 53 -42.96 6.53 7.63
CA PRO A 53 -43.76 6.02 8.74
C PRO A 53 -44.65 7.10 9.37
N SER A 54 -45.78 6.68 9.93
CA SER A 54 -46.84 7.60 10.33
C SER A 54 -46.47 8.61 11.42
N HIS A 55 -45.81 8.12 12.46
CA HIS A 55 -45.51 8.93 13.63
C HIS A 55 -44.48 10.03 13.35
N PHE A 56 -43.82 9.93 12.21
CA PHE A 56 -42.81 10.91 11.83
C PHE A 56 -43.39 12.12 11.12
N HIS A 57 -44.60 12.00 10.61
CA HIS A 57 -45.24 13.13 9.97
C HIS A 57 -45.55 14.17 11.04
N LEU A 58 -45.20 15.42 10.77
CA LEU A 58 -45.47 16.51 11.69
C LEU A 58 -46.24 17.64 11.02
N GLN A 59 -47.01 18.36 11.82
CA GLN A 59 -47.67 19.59 11.36
C GLN A 59 -46.86 20.80 11.82
N LEU A 60 -46.76 21.81 10.98
CA LEU A 60 -45.97 22.99 11.29
C LEU A 60 -46.40 23.66 12.60
N SER A 61 -47.69 23.57 12.95
CA SER A 61 -48.22 24.15 14.19
C SER A 61 -47.71 23.41 15.44
N GLU A 62 -47.34 22.15 15.27
CA GLU A 62 -46.93 21.31 16.38
C GLU A 62 -45.49 21.64 16.82
N ILE A 63 -44.83 22.48 16.03
CA ILE A 63 -43.46 22.89 16.25
C ILE A 63 -43.39 24.32 16.74
N GLU A 64 -42.84 24.48 17.93
CA GLU A 64 -42.60 25.78 18.54
C GLU A 64 -41.17 26.25 18.21
N PHE A 65 -41.02 27.48 17.70
CA PHE A 65 -39.67 27.96 17.38
C PHE A 65 -39.22 28.97 18.41
N HIS A 66 -38.00 28.82 18.91
CA HIS A 66 -37.46 29.72 19.91
C HIS A 66 -36.32 30.52 19.30
N GLU A 67 -35.11 29.98 19.22
CA GLU A 67 -33.97 30.73 18.65
C GLU A 67 -33.36 30.14 17.40
N ILE A 68 -32.60 30.97 16.68
CA ILE A 68 -31.79 30.48 15.57
C ILE A 68 -30.47 29.92 16.08
N ILE A 69 -30.05 28.76 15.58
CA ILE A 69 -28.79 28.13 15.98
C ILE A 69 -27.72 28.25 14.88
N GLY A 70 -28.16 28.29 13.63
CA GLY A 70 -27.23 28.30 12.52
C GLY A 70 -27.88 28.61 11.18
N SER A 71 -27.04 28.85 10.18
CA SER A 71 -27.52 29.17 8.85
C SER A 71 -26.86 28.25 7.84
N GLY A 72 -27.49 28.08 6.68
CA GLY A 72 -26.89 27.29 5.62
C GLY A 72 -27.36 27.71 4.24
N SER A 73 -27.08 26.88 3.25
CA SER A 73 -27.55 27.20 1.90
C SER A 73 -28.93 26.59 1.83
N PHE A 74 -29.23 25.75 2.81
CA PHE A 74 -30.50 25.04 2.87
C PHE A 74 -31.55 25.90 3.59
N GLY A 75 -31.09 26.71 4.55
CA GLY A 75 -32.00 27.49 5.38
C GLY A 75 -31.40 27.85 6.71
N LYS A 76 -32.25 28.00 7.72
CA LYS A 76 -31.81 28.34 9.07
C LYS A 76 -32.04 27.12 10.00
N VAL A 77 -31.28 27.06 11.08
CA VAL A 77 -31.41 25.98 12.04
C VAL A 77 -31.91 26.55 13.37
N TYR A 78 -33.09 26.10 13.80
CA TYR A 78 -33.66 26.63 15.04
C TYR A 78 -33.54 25.66 16.21
N LYS A 79 -33.48 26.22 17.41
CA LYS A 79 -33.74 25.49 18.64
C LYS A 79 -35.22 25.66 19.02
N GLY A 80 -35.92 24.56 19.28
CA GLY A 80 -37.33 24.73 19.60
C GLY A 80 -37.87 23.67 20.52
N ARG A 81 -39.19 23.59 20.59
CA ARG A 81 -39.84 22.60 21.40
C ARG A 81 -40.87 21.92 20.52
N CYS A 82 -40.92 20.61 20.61
CA CYS A 82 -41.81 19.82 19.80
C CYS A 82 -41.96 18.48 20.48
N ARG A 83 -43.21 18.07 20.68
CA ARG A 83 -43.56 16.82 21.34
C ARG A 83 -42.91 16.66 22.71
N ASN A 84 -42.91 17.75 23.47
CA ASN A 84 -42.49 17.79 24.86
C ASN A 84 -41.00 17.52 25.02
N LYS A 85 -40.31 17.63 23.88
CA LYS A 85 -38.87 17.50 23.80
C LYS A 85 -38.31 18.83 23.36
N ILE A 86 -37.10 19.13 23.80
CA ILE A 86 -36.35 20.24 23.22
C ILE A 86 -35.77 19.66 21.94
N VAL A 87 -35.95 20.37 20.84
CA VAL A 87 -35.63 19.83 19.54
C VAL A 87 -34.74 20.77 18.77
N ALA A 88 -34.31 20.33 17.60
CA ALA A 88 -33.58 21.20 16.67
C ALA A 88 -34.31 21.15 15.34
N ILE A 89 -34.66 22.31 14.82
CA ILE A 89 -35.44 22.27 13.59
C ILE A 89 -34.63 22.82 12.46
N LYS A 90 -34.47 21.98 11.44
CA LYS A 90 -33.74 22.35 10.23
C LYS A 90 -34.81 22.78 9.24
N ARG A 91 -34.94 24.08 9.04
CA ARG A 91 -35.97 24.61 8.14
C ARG A 91 -35.42 25.03 6.77
N TYR A 92 -36.17 24.75 5.71
CA TYR A 92 -35.65 24.97 4.37
C TYR A 92 -36.24 26.26 3.74
N ARG A 93 -35.47 26.91 2.87
CA ARG A 93 -35.87 28.20 2.26
C ARG A 93 -37.21 28.13 1.50
N CYS A 98 -37.89 26.13 -3.06
CA CYS A 98 -38.74 25.05 -3.59
C CYS A 98 -38.37 24.60 -5.01
N SER A 99 -37.21 25.04 -5.50
CA SER A 99 -36.69 24.63 -6.81
C SER A 99 -35.87 23.32 -6.73
N LYS A 100 -35.71 22.64 -7.87
CA LYS A 100 -35.25 21.24 -7.93
C LYS A 100 -34.02 20.85 -7.13
N SER A 101 -32.99 21.72 -7.16
CA SER A 101 -31.70 21.38 -6.56
C SER A 101 -31.79 21.13 -5.06
N ASP A 102 -32.36 22.09 -4.34
CA ASP A 102 -32.54 22.00 -2.91
C ASP A 102 -33.54 20.91 -2.43
N VAL A 103 -34.57 20.65 -3.23
CA VAL A 103 -35.61 19.64 -2.90
C VAL A 103 -35.12 18.19 -2.94
N ASP A 104 -34.32 17.87 -3.95
CA ASP A 104 -33.72 16.54 -4.10
C ASP A 104 -32.88 16.21 -2.88
N MET A 105 -32.34 17.27 -2.28
CA MET A 105 -31.51 17.20 -1.09
C MET A 105 -32.40 17.03 0.15
N PHE A 106 -33.60 17.62 0.11
CA PHE A 106 -34.56 17.50 1.21
C PHE A 106 -35.03 16.06 1.44
N CYS A 107 -35.42 15.41 0.35
CA CYS A 107 -35.84 14.01 0.40
C CYS A 107 -34.70 13.11 0.83
N ARG A 108 -33.50 13.39 0.32
CA ARG A 108 -32.33 12.61 0.69
C ARG A 108 -32.14 12.61 2.21
N GLU A 109 -32.15 13.79 2.83
CA GLU A 109 -31.92 13.84 4.27
C GLU A 109 -33.00 13.07 5.06
N VAL A 110 -34.28 13.33 4.77
CA VAL A 110 -35.37 12.61 5.41
C VAL A 110 -35.25 11.09 5.21
N SER A 111 -34.94 10.69 3.98
CA SER A 111 -34.75 9.29 3.65
C SER A 111 -33.66 8.66 4.49
N ILE A 112 -32.61 9.41 4.75
CA ILE A 112 -31.53 8.96 5.62
C ILE A 112 -32.02 8.89 7.08
N LEU A 113 -32.69 9.95 7.52
CA LEU A 113 -33.05 10.10 8.93
C LEU A 113 -34.09 9.08 9.46
N CYS A 114 -35.01 8.61 8.64
CA CYS A 114 -36.03 7.71 9.16
C CYS A 114 -35.45 6.30 9.31
N GLN A 115 -34.19 6.13 8.94
CA GLN A 115 -33.52 4.83 9.02
C GLN A 115 -32.63 4.76 10.25
N LEU A 116 -32.29 5.89 10.84
CA LEU A 116 -31.25 5.90 11.87
C LEU A 116 -31.78 5.58 13.25
N ASN A 117 -31.31 4.48 13.80
CA ASN A 117 -31.63 4.13 15.18
C ASN A 117 -30.42 3.63 15.95
N HIS A 118 -29.66 4.56 16.53
CA HIS A 118 -28.48 4.21 17.32
C HIS A 118 -28.15 5.31 18.29
N PRO A 119 -27.73 4.95 19.51
CA PRO A 119 -27.47 5.98 20.53
C PRO A 119 -26.29 6.90 20.19
N CYS A 120 -25.50 6.55 19.17
CA CYS A 120 -24.36 7.37 18.81
C CYS A 120 -24.59 8.12 17.52
N VAL A 121 -25.84 8.12 17.08
CA VAL A 121 -26.23 8.84 15.88
C VAL A 121 -27.46 9.68 16.16
N ILE A 122 -27.51 10.87 15.56
CA ILE A 122 -28.57 11.83 15.80
C ILE A 122 -29.95 11.21 15.70
N GLN A 123 -30.88 11.67 16.54
CA GLN A 123 -32.24 11.13 16.51
C GLN A 123 -33.22 11.98 15.75
N PHE A 124 -33.96 11.34 14.86
CA PHE A 124 -34.96 11.99 14.06
C PHE A 124 -36.23 12.13 14.94
N VAL A 125 -36.86 13.30 14.92
CA VAL A 125 -38.11 13.47 15.66
C VAL A 125 -39.24 13.29 14.67
N GLY A 126 -39.07 13.88 13.48
CA GLY A 126 -40.00 13.75 12.38
C GLY A 126 -39.77 14.87 11.39
N ALA A 127 -40.58 14.91 10.32
CA ALA A 127 -40.46 16.02 9.38
C ALA A 127 -41.83 16.58 9.00
N CYS A 128 -41.85 17.86 8.62
CA CYS A 128 -43.07 18.50 8.16
C CYS A 128 -43.05 18.53 6.63
N LEU A 129 -44.14 18.08 6.03
CA LEU A 129 -44.21 17.81 4.59
C LEU A 129 -45.46 18.34 3.88
N ASN A 130 -46.15 19.31 4.48
CA ASN A 130 -47.38 19.82 3.88
C ASN A 130 -47.14 20.61 2.57
N ASP A 131 -46.45 21.73 2.64
CA ASP A 131 -46.09 22.49 1.44
C ASP A 131 -44.61 22.86 1.51
N PRO A 132 -43.98 23.14 0.35
CA PRO A 132 -42.56 23.51 0.29
C PRO A 132 -42.17 24.71 1.17
N SER A 133 -43.12 25.59 1.45
CA SER A 133 -42.86 26.70 2.36
C SER A 133 -42.72 26.16 3.80
N GLN A 134 -43.35 25.02 4.07
CA GLN A 134 -43.38 24.45 5.42
C GLN A 134 -42.48 23.23 5.60
N PHE A 135 -41.57 22.98 4.65
CA PHE A 135 -40.63 21.86 4.78
C PHE A 135 -39.69 22.08 5.98
N ALA A 136 -39.61 21.07 6.84
CA ALA A 136 -38.79 21.16 8.04
C ALA A 136 -38.36 19.78 8.50
N ILE A 137 -37.24 19.75 9.22
CA ILE A 137 -36.70 18.52 9.77
C ILE A 137 -36.44 18.74 11.24
N VAL A 138 -36.95 17.82 12.06
CA VAL A 138 -36.88 17.96 13.51
C VAL A 138 -36.05 16.84 14.10
N THR A 139 -35.08 17.17 14.93
CA THR A 139 -34.28 16.13 15.56
C THR A 139 -34.12 16.45 17.04
N GLN A 140 -33.48 15.56 17.78
CA GLN A 140 -33.13 15.86 19.16
C GLN A 140 -32.22 17.08 19.24
N TYR A 141 -32.14 17.68 20.40
CA TYR A 141 -31.23 18.78 20.60
C TYR A 141 -30.21 18.26 21.61
N ILE A 142 -28.96 18.13 21.18
CA ILE A 142 -27.91 17.68 22.08
C ILE A 142 -27.26 18.93 22.65
N SER A 143 -27.48 19.17 23.96
CA SER A 143 -27.26 20.49 24.60
C SER A 143 -25.83 20.86 24.91
N GLY A 144 -24.93 19.88 24.87
CA GLY A 144 -23.53 20.11 25.19
C GLY A 144 -22.69 20.73 24.09
N GLY A 145 -23.27 20.98 22.90
CA GLY A 145 -22.58 21.64 21.79
C GLY A 145 -21.69 20.75 20.95
N SER A 146 -20.92 21.34 20.04
CA SER A 146 -20.06 20.54 19.14
C SER A 146 -18.74 20.19 19.81
N LEU A 147 -18.11 19.10 19.34
CA LEU A 147 -16.78 18.75 19.81
C LEU A 147 -15.82 19.88 19.51
N PHE A 148 -16.05 20.59 18.41
CA PHE A 148 -15.22 21.72 18.03
C PHE A 148 -15.22 22.81 19.09
N SER A 149 -16.40 23.23 19.52
CA SER A 149 -16.49 24.25 20.56
C SER A 149 -15.85 23.80 21.83
N LEU A 150 -16.07 22.55 22.21
CA LEU A 150 -15.44 22.05 23.43
C LEU A 150 -13.92 22.23 23.36
N LEU A 151 -13.32 21.92 22.22
CA LEU A 151 -11.87 21.85 22.17
C LEU A 151 -11.19 23.14 21.84
N HIS A 152 -11.83 23.97 21.04
CA HIS A 152 -11.11 25.09 20.44
C HIS A 152 -11.66 26.46 20.82
N GLU A 153 -12.90 26.47 21.32
CA GLU A 153 -13.54 27.70 21.76
C GLU A 153 -13.59 27.82 23.29
N GLN A 154 -14.17 26.82 23.93
CA GLN A 154 -14.21 26.73 25.39
C GLN A 154 -12.85 26.33 25.92
N LYS A 155 -12.02 25.78 25.03
CA LYS A 155 -10.68 25.30 25.35
C LYS A 155 -10.58 24.54 26.67
N ARG A 156 -11.30 23.42 26.76
CA ARG A 156 -11.33 22.64 27.99
C ARG A 156 -10.24 21.55 27.99
N ILE A 157 -9.65 21.28 29.15
CA ILE A 157 -8.66 20.20 29.25
C ILE A 157 -9.34 18.89 29.61
N LEU A 158 -9.09 17.83 28.85
CA LEU A 158 -9.78 16.58 29.13
C LEU A 158 -8.88 15.47 29.68
N ASP A 159 -9.53 14.67 30.52
CA ASP A 159 -9.02 13.43 31.04
C ASP A 159 -8.78 12.55 29.84
N LEU A 160 -7.88 11.58 29.96
CA LEU A 160 -7.72 10.63 28.87
C LEU A 160 -8.98 9.78 28.72
N GLN A 161 -9.59 9.40 29.85
CA GLN A 161 -10.82 8.62 29.77
C GLN A 161 -11.94 9.43 29.09
N SER A 162 -12.00 10.73 29.40
CA SER A 162 -12.96 11.63 28.78
C SER A 162 -12.81 11.60 27.28
N LYS A 163 -11.55 11.68 26.84
CA LYS A 163 -11.18 11.70 25.43
C LYS A 163 -11.57 10.41 24.75
N LEU A 164 -11.28 9.28 25.40
CA LEU A 164 -11.57 7.97 24.84
C LEU A 164 -13.06 7.68 24.74
N ILE A 165 -13.87 8.20 25.66
CA ILE A 165 -15.31 7.97 25.55
C ILE A 165 -15.86 8.63 24.29
N ILE A 166 -15.53 9.88 24.05
CA ILE A 166 -15.94 10.55 22.83
C ILE A 166 -15.54 9.78 21.56
N ALA A 167 -14.27 9.38 21.52
CA ALA A 167 -13.70 8.67 20.39
C ALA A 167 -14.48 7.39 20.10
N VAL A 168 -14.77 6.64 21.15
CA VAL A 168 -15.51 5.39 20.99
C VAL A 168 -16.93 5.65 20.55
N ASP A 169 -17.53 6.72 21.04
CA ASP A 169 -18.90 6.95 20.66
C ASP A 169 -18.95 7.26 19.19
N VAL A 170 -18.02 8.08 18.72
CA VAL A 170 -17.98 8.41 17.31
C VAL A 170 -17.73 7.13 16.51
N ALA A 171 -16.83 6.30 17.01
CA ALA A 171 -16.51 5.09 16.28
C ALA A 171 -17.72 4.18 16.20
N LYS A 172 -18.47 4.07 17.29
CA LYS A 172 -19.66 3.24 17.35
C LYS A 172 -20.74 3.72 16.37
N GLY A 173 -21.00 5.01 16.36
CA GLY A 173 -21.96 5.60 15.43
C GLY A 173 -21.63 5.39 13.95
N MET A 174 -20.34 5.47 13.61
CA MET A 174 -19.89 5.30 12.23
C MET A 174 -19.98 3.86 11.79
N GLU A 175 -19.65 2.94 12.70
CA GLU A 175 -19.75 1.52 12.42
C GLU A 175 -21.20 1.19 12.12
N TYR A 176 -22.08 1.89 12.84
CA TYR A 176 -23.50 1.77 12.62
C TYR A 176 -23.85 2.24 11.22
N LEU A 177 -23.34 3.41 10.85
CA LEU A 177 -23.68 3.97 9.54
C LEU A 177 -23.14 3.08 8.45
N HIS A 178 -21.97 2.49 8.67
CA HIS A 178 -21.32 1.66 7.66
C HIS A 178 -21.86 0.24 7.56
N ASN A 179 -22.62 -0.20 8.57
CA ASN A 179 -23.21 -1.52 8.53
C ASN A 179 -24.71 -1.48 8.19
N LEU A 180 -25.18 -0.40 7.57
CA LEU A 180 -26.57 -0.40 7.11
C LEU A 180 -26.72 -1.31 5.90
N THR A 181 -27.93 -1.88 5.70
CA THR A 181 -28.14 -2.78 4.56
C THR A 181 -27.82 -2.04 3.26
N GLN A 182 -28.05 -0.72 3.26
CA GLN A 182 -27.41 0.17 2.28
C GLN A 182 -26.47 1.18 2.98
N PRO A 183 -25.19 0.81 3.17
CA PRO A 183 -24.23 1.62 3.94
C PRO A 183 -24.14 3.09 3.53
N ILE A 184 -23.86 3.96 4.50
CA ILE A 184 -23.85 5.39 4.30
C ILE A 184 -22.44 5.93 4.48
N ILE A 185 -21.91 6.57 3.44
CA ILE A 185 -20.67 7.33 3.59
C ILE A 185 -21.03 8.70 4.15
N HIS A 186 -20.50 9.02 5.33
CA HIS A 186 -20.78 10.30 5.97
C HIS A 186 -20.25 11.45 5.14
N ARG A 187 -19.01 11.28 4.66
CA ARG A 187 -18.36 12.18 3.69
C ARG A 187 -17.92 13.53 4.30
N ASP A 188 -18.48 13.88 5.46
CA ASP A 188 -18.17 15.16 6.04
C ASP A 188 -17.92 15.08 7.57
N LEU A 189 -17.27 14.00 8.00
CA LEU A 189 -17.00 13.82 9.43
C LEU A 189 -15.88 14.74 9.95
N ASN A 190 -16.23 15.60 10.89
CA ASN A 190 -15.24 16.47 11.54
C ASN A 190 -15.71 16.91 12.92
N SER A 191 -14.91 17.70 13.63
CA SER A 191 -15.29 18.07 15.00
C SER A 191 -16.55 19.00 15.09
N HIS A 192 -16.97 19.60 13.99
CA HIS A 192 -18.21 20.37 13.97
C HIS A 192 -19.43 19.46 13.88
N ASN A 193 -19.24 18.27 13.33
CA ASN A 193 -20.35 17.37 13.11
C ASN A 193 -20.43 16.32 14.16
N ILE A 194 -19.72 16.54 15.26
CA ILE A 194 -19.80 15.63 16.38
C ILE A 194 -20.35 16.38 17.58
N LEU A 195 -21.55 15.99 18.01
CA LEU A 195 -22.17 16.68 19.14
C LEU A 195 -21.98 15.95 20.47
N LEU A 196 -22.01 16.73 21.54
CA LEU A 196 -21.76 16.18 22.87
C LEU A 196 -22.92 16.39 23.86
N TYR A 197 -23.25 15.35 24.61
CA TYR A 197 -24.16 15.49 25.74
C TYR A 197 -23.45 16.19 26.89
N GLU A 198 -24.22 16.62 27.90
CA GLU A 198 -23.62 17.28 29.05
C GLU A 198 -22.77 16.28 29.83
N ASP A 199 -23.11 15.00 29.71
CA ASP A 199 -22.35 13.92 30.35
C ASP A 199 -21.08 13.45 29.58
N GLY A 200 -20.80 14.06 28.45
CA GLY A 200 -19.57 13.79 27.75
C GLY A 200 -19.63 12.63 26.77
N HIS A 201 -20.81 12.07 26.57
CA HIS A 201 -20.97 11.09 25.51
C HIS A 201 -21.24 11.91 24.25
N ALA A 202 -21.01 11.33 23.08
CA ALA A 202 -21.14 12.06 21.84
C ALA A 202 -22.01 11.39 20.80
N VAL A 203 -22.47 12.17 19.84
CA VAL A 203 -23.41 11.74 18.82
C VAL A 203 -22.94 12.24 17.48
N VAL A 204 -23.02 11.43 16.46
CA VAL A 204 -22.55 11.81 15.14
C VAL A 204 -23.66 12.35 14.31
N ALA A 205 -23.50 13.55 13.83
CA ALA A 205 -24.54 14.19 13.07
C ALA A 205 -23.98 14.84 11.83
N ASP A 206 -24.84 15.47 11.05
CA ASP A 206 -24.40 16.19 9.85
C ASP A 206 -25.19 17.47 9.71
N PHE A 207 -24.51 18.61 9.88
CA PHE A 207 -25.18 19.90 9.76
C PHE A 207 -25.55 20.28 8.34
N GLY A 208 -25.21 19.43 7.39
CA GLY A 208 -25.64 19.61 6.02
C GLY A 208 -24.86 20.72 5.37
N GLU A 209 -23.67 21.00 5.90
CA GLU A 209 -22.82 22.08 5.38
C GLU A 209 -21.71 21.56 4.45
N GLY A 226 -10.60 6.35 -20.84
CA GLY A 226 -9.20 6.34 -21.21
C GLY A 226 -8.51 5.05 -20.77
N ASN A 227 -7.20 5.00 -20.90
CA ASN A 227 -6.46 3.87 -20.35
C ASN A 227 -5.72 4.26 -19.07
N LEU A 228 -6.00 3.54 -17.99
CA LEU A 228 -5.58 4.02 -16.69
C LEU A 228 -4.06 4.02 -16.50
N ARG A 229 -3.38 3.20 -17.28
CA ARG A 229 -1.95 2.99 -17.07
C ARG A 229 -1.10 4.29 -17.18
N TRP A 230 -1.49 5.23 -18.04
CA TRP A 230 -0.73 6.46 -18.19
C TRP A 230 -1.37 7.69 -17.51
N MET A 231 -2.47 7.47 -16.81
CA MET A 231 -3.25 8.53 -16.17
C MET A 231 -2.58 9.18 -14.98
N ALA A 232 -2.77 10.49 -14.85
CA ALA A 232 -2.29 11.21 -13.68
C ALA A 232 -3.14 10.80 -12.48
N PRO A 233 -2.48 10.73 -11.32
CA PRO A 233 -3.13 10.24 -10.10
C PRO A 233 -4.31 11.10 -9.69
N GLU A 234 -4.27 12.40 -9.98
CA GLU A 234 -5.41 13.26 -9.68
C GLU A 234 -6.55 13.09 -10.68
N VAL A 235 -6.26 12.44 -11.81
CA VAL A 235 -7.27 12.18 -12.83
C VAL A 235 -7.86 10.81 -12.57
N PHE A 236 -7.01 9.88 -12.14
CA PHE A 236 -7.46 8.57 -11.74
C PHE A 236 -8.47 8.62 -10.60
N THR A 237 -8.30 9.59 -9.72
CA THR A 237 -9.08 9.68 -8.50
C THR A 237 -10.47 10.17 -8.82
N GLN A 238 -10.61 10.88 -9.92
CA GLN A 238 -11.93 11.36 -10.32
C GLN A 238 -12.71 10.35 -11.15
N CYS A 239 -12.16 9.16 -11.35
CA CYS A 239 -12.86 8.09 -12.05
C CYS A 239 -13.16 7.02 -11.06
N THR A 240 -12.72 7.23 -9.83
CA THR A 240 -12.88 6.25 -8.80
C THR A 240 -13.86 6.74 -7.76
N ARG A 241 -14.92 5.97 -7.55
CA ARG A 241 -15.89 6.29 -6.52
C ARG A 241 -15.15 6.20 -5.20
N TYR A 242 -15.33 7.20 -4.33
CA TYR A 242 -14.80 7.04 -2.98
C TYR A 242 -15.73 6.11 -2.20
N THR A 243 -15.18 5.43 -1.21
CA THR A 243 -15.92 4.46 -0.45
C THR A 243 -16.04 4.92 1.00
N ILE A 244 -16.57 4.05 1.86
CA ILE A 244 -16.68 4.35 3.29
C ILE A 244 -15.31 4.51 3.95
N LYS A 245 -14.24 4.02 3.33
CA LYS A 245 -12.92 4.17 3.91
C LYS A 245 -12.51 5.64 3.99
N ALA A 246 -13.24 6.48 3.27
CA ALA A 246 -12.98 7.90 3.27
C ALA A 246 -13.36 8.43 4.64
N ASP A 247 -14.32 7.78 5.28
CA ASP A 247 -14.74 8.22 6.59
C ASP A 247 -13.69 7.85 7.64
N VAL A 248 -12.91 6.81 7.37
CA VAL A 248 -11.89 6.38 8.32
C VAL A 248 -10.73 7.38 8.35
N PHE A 249 -10.44 7.96 7.19
CA PHE A 249 -9.39 8.99 7.12
C PHE A 249 -9.79 10.17 7.97
N SER A 250 -11.04 10.58 7.80
CA SER A 250 -11.63 11.69 8.52
C SER A 250 -11.68 11.47 10.04
N TYR A 251 -11.99 10.25 10.43
CA TYR A 251 -12.11 9.94 11.84
C TYR A 251 -10.80 10.11 12.52
N ALA A 252 -9.78 9.50 11.90
CA ALA A 252 -8.43 9.54 12.44
C ALA A 252 -7.91 10.95 12.68
N LEU A 253 -8.23 11.89 11.80
CA LEU A 253 -7.84 13.29 12.04
C LEU A 253 -8.56 13.82 13.27
N CYS A 254 -9.83 13.44 13.44
CA CYS A 254 -10.62 13.88 14.60
C CYS A 254 -10.04 13.29 15.87
N LEU A 255 -9.63 12.03 15.81
CA LEU A 255 -9.06 11.33 16.96
C LEU A 255 -7.74 11.96 17.39
N TRP A 256 -6.95 12.39 16.42
CA TRP A 256 -5.74 13.13 16.72
C TRP A 256 -6.10 14.46 17.39
N GLU A 257 -7.16 15.09 16.88
CA GLU A 257 -7.63 16.37 17.39
C GLU A 257 -8.14 16.26 18.86
N ILE A 258 -8.73 15.11 19.19
CA ILE A 258 -9.17 14.86 20.56
C ILE A 258 -7.97 14.68 21.50
N LEU A 259 -7.03 13.84 21.07
CA LEU A 259 -5.90 13.55 21.92
C LEU A 259 -5.00 14.74 22.13
N THR A 260 -4.82 15.55 21.10
CA THR A 260 -3.91 16.69 21.22
C THR A 260 -4.65 17.97 21.57
N GLY A 261 -5.96 17.97 21.42
CA GLY A 261 -6.70 19.18 21.66
C GLY A 261 -6.29 20.29 20.71
N GLU A 262 -5.86 19.90 19.51
CA GLU A 262 -5.39 20.82 18.47
C GLU A 262 -6.16 20.60 17.20
N ILE A 263 -6.41 21.68 16.47
CA ILE A 263 -6.96 21.56 15.13
C ILE A 263 -5.85 21.02 14.22
N PRO A 264 -6.18 20.04 13.34
CA PRO A 264 -5.20 19.43 12.41
C PRO A 264 -4.60 20.44 11.46
N PHE A 265 -3.27 20.60 11.48
CA PHE A 265 -2.61 21.64 10.68
C PHE A 265 -3.17 23.00 11.06
N ALA A 266 -3.09 23.31 12.34
CA ALA A 266 -3.69 24.52 12.91
C ALA A 266 -3.12 25.79 12.26
N HIS A 267 -1.90 25.71 11.77
CA HIS A 267 -1.21 26.86 11.22
C HIS A 267 -1.62 27.11 9.76
N LEU A 268 -2.56 26.33 9.23
CA LEU A 268 -2.90 26.47 7.80
C LEU A 268 -4.37 26.74 7.56
N LYS A 269 -4.68 27.38 6.43
CA LYS A 269 -6.06 27.50 6.01
C LYS A 269 -6.39 26.16 5.37
N PRO A 270 -7.67 25.75 5.41
CA PRO A 270 -8.18 24.43 4.99
C PRO A 270 -7.68 23.87 3.65
N ALA A 271 -7.72 24.65 2.57
CA ALA A 271 -7.35 24.10 1.27
C ALA A 271 -5.87 23.79 1.21
N ALA A 272 -5.07 24.58 1.92
CA ALA A 272 -3.65 24.33 2.02
C ALA A 272 -3.42 23.02 2.78
N ALA A 273 -4.20 22.81 3.84
CA ALA A 273 -4.06 21.61 4.64
C ALA A 273 -4.38 20.39 3.79
N ALA A 274 -5.44 20.49 2.99
CA ALA A 274 -5.89 19.38 2.13
C ALA A 274 -4.84 18.99 1.09
N ALA A 275 -4.20 19.98 0.48
CA ALA A 275 -3.17 19.70 -0.55
C ALA A 275 -1.88 19.14 0.09
N ASP A 276 -1.51 19.61 1.27
CA ASP A 276 -0.37 19.06 1.99
C ASP A 276 -0.54 17.61 2.38
N MET A 277 -1.79 17.20 2.56
CA MET A 277 -2.10 15.83 2.90
C MET A 277 -2.14 14.96 1.66
N ALA A 278 -2.61 15.53 0.55
CA ALA A 278 -2.82 14.79 -0.69
C ALA A 278 -1.58 14.76 -1.63
N TYR A 279 -0.97 15.91 -1.78
CA TYR A 279 0.13 16.11 -2.72
C TYR A 279 1.49 15.93 -2.03
N HIS A 280 1.62 16.44 -0.81
CA HIS A 280 2.91 16.41 -0.12
C HIS A 280 2.97 15.40 1.03
N HIS A 281 1.91 14.61 1.19
CA HIS A 281 1.89 13.47 2.11
C HIS A 281 2.18 13.78 3.57
N ILE A 282 1.88 15.00 3.98
CA ILE A 282 2.03 15.43 5.37
C ILE A 282 0.82 14.95 6.18
N ARG A 283 1.10 14.51 7.39
CA ARG A 283 0.08 14.14 8.33
C ARG A 283 0.40 14.92 9.62
N PRO A 284 -0.54 14.98 10.55
CA PRO A 284 -0.17 15.58 11.83
C PRO A 284 0.90 14.72 12.52
N PRO A 285 1.71 15.32 13.40
CA PRO A 285 2.78 14.63 14.13
C PRO A 285 2.23 13.62 15.12
N ILE A 286 2.66 12.39 15.05
CA ILE A 286 2.27 11.43 16.08
C ILE A 286 3.34 11.39 17.18
N GLY A 287 3.10 12.08 18.29
CA GLY A 287 4.09 12.07 19.36
C GLY A 287 4.28 10.68 19.92
N TYR A 288 5.38 10.47 20.65
CA TYR A 288 5.64 9.20 21.34
C TYR A 288 4.74 8.96 22.56
N SER A 289 4.23 10.04 23.13
CA SER A 289 3.36 9.97 24.31
C SER A 289 2.04 9.25 24.02
N ILE A 290 1.60 9.30 22.77
CA ILE A 290 0.36 8.68 22.35
C ILE A 290 0.40 7.14 22.48
N PRO A 291 -0.54 6.56 23.23
CA PRO A 291 -0.71 5.12 23.57
C PRO A 291 -0.52 4.15 22.39
N LYS A 292 0.13 3.00 22.61
CA LYS A 292 0.46 2.09 21.49
C LYS A 292 -0.73 1.71 20.59
N PRO A 293 -1.86 1.31 21.19
CA PRO A 293 -2.91 0.86 20.25
C PRO A 293 -3.52 2.01 19.46
N ILE A 294 -3.48 3.21 20.04
CA ILE A 294 -4.11 4.33 19.39
C ILE A 294 -3.31 4.87 18.22
N SER A 295 -2.03 5.12 18.47
CA SER A 295 -1.16 5.63 17.45
C SER A 295 -1.10 4.71 16.22
N SER A 296 -1.28 3.41 16.44
CA SER A 296 -1.33 2.50 15.31
C SER A 296 -2.57 2.75 14.49
N LEU A 297 -3.68 3.05 15.18
CA LEU A 297 -4.96 3.30 14.52
C LEU A 297 -4.80 4.55 13.67
N LEU A 298 -4.11 5.54 14.21
CA LEU A 298 -3.86 6.76 13.46
C LEU A 298 -3.11 6.53 12.13
N ILE A 299 -1.91 5.95 12.20
CA ILE A 299 -1.08 5.71 11.03
C ILE A 299 -1.81 5.02 9.90
N ARG A 300 -2.51 3.94 10.24
CA ARG A 300 -3.23 3.15 9.25
C ARG A 300 -4.48 3.92 8.82
N GLY A 301 -5.04 4.66 9.77
CA GLY A 301 -6.27 5.35 9.51
C GLY A 301 -6.08 6.38 8.43
N TRP A 302 -5.00 7.16 8.51
CA TRP A 302 -4.86 8.18 7.51
C TRP A 302 -3.85 7.86 6.40
N ASN A 303 -3.77 6.57 6.10
CA ASN A 303 -3.00 6.07 4.99
C ASN A 303 -3.62 6.51 3.67
N ALA A 304 -2.81 6.83 2.68
CA ALA A 304 -3.28 7.24 1.36
C ALA A 304 -4.01 6.12 0.61
N CYS A 305 -3.63 4.86 0.83
CA CYS A 305 -4.37 3.74 0.23
C CYS A 305 -5.62 3.48 1.08
N PRO A 306 -6.79 3.71 0.47
CA PRO A 306 -8.04 3.53 1.19
C PRO A 306 -8.21 2.13 1.77
N GLU A 307 -7.84 1.07 1.04
CA GLU A 307 -8.03 -0.28 1.52
C GLU A 307 -7.20 -0.54 2.72
N GLY A 308 -6.12 0.20 2.88
CA GLY A 308 -5.23 0.00 4.00
C GLY A 308 -5.68 0.61 5.33
N ARG A 309 -6.88 1.17 5.36
CA ARG A 309 -7.43 1.77 6.56
C ARG A 309 -8.34 0.76 7.24
N PRO A 310 -8.35 0.72 8.58
CA PRO A 310 -9.17 -0.23 9.34
C PRO A 310 -10.70 -0.05 9.16
N GLU A 311 -11.47 -1.10 9.49
CA GLU A 311 -12.94 -1.01 9.64
C GLU A 311 -13.24 -0.44 11.01
N PHE A 312 -14.44 0.11 11.20
CA PHE A 312 -14.73 0.67 12.52
C PHE A 312 -14.86 -0.38 13.63
N SER A 313 -15.24 -1.57 13.22
CA SER A 313 -15.29 -2.70 14.11
C SER A 313 -13.95 -2.83 14.85
N GLU A 314 -12.84 -2.72 14.14
CA GLU A 314 -11.51 -2.77 14.77
C GLU A 314 -11.20 -1.56 15.66
N VAL A 315 -11.59 -0.36 15.19
CA VAL A 315 -11.36 0.86 15.97
C VAL A 315 -12.10 0.79 17.27
N VAL A 316 -13.37 0.40 17.20
CA VAL A 316 -14.19 0.30 18.39
C VAL A 316 -13.55 -0.71 19.33
N MET A 317 -13.34 -1.93 18.84
CA MET A 317 -12.78 -3.00 19.65
C MET A 317 -11.47 -2.58 20.32
N LYS A 318 -10.60 -1.91 19.57
CA LYS A 318 -9.33 -1.51 20.15
C LYS A 318 -9.44 -0.33 21.12
N LEU A 319 -10.32 0.60 20.82
CA LEU A 319 -10.51 1.76 21.67
C LEU A 319 -11.22 1.38 22.97
N GLU A 320 -12.10 0.40 22.88
CA GLU A 320 -12.84 -0.09 24.04
C GLU A 320 -11.89 -0.83 24.99
N GLU A 321 -11.01 -1.64 24.41
CA GLU A 321 -9.95 -2.32 25.15
C GLU A 321 -9.08 -1.31 25.91
N CYS A 322 -8.96 -0.09 25.41
CA CYS A 322 -8.15 0.95 26.08
C CYS A 322 -8.85 1.52 27.28
N LEU A 323 -10.17 1.59 27.18
CA LEU A 323 -11.00 2.14 28.24
C LEU A 323 -10.87 1.30 29.49
N CYS A 324 -10.73 -0.01 29.28
CA CYS A 324 -10.59 -0.96 30.38
C CYS A 324 -9.28 -0.81 31.14
N ASN A 325 -8.31 -0.11 30.56
CA ASN A 325 -7.03 0.04 31.24
C ASN A 325 -6.85 1.45 31.87
N ILE A 326 -7.53 2.45 31.32
CA ILE A 326 -7.54 3.77 31.92
C ILE A 326 -8.49 3.75 33.12
N ILE B 45 -25.10 21.46 -30.99
CA ILE B 45 -25.05 20.66 -32.22
C ILE B 45 -25.41 21.50 -33.43
N LEU B 46 -26.48 22.29 -33.29
CA LEU B 46 -26.88 23.27 -34.30
C LEU B 46 -25.94 24.47 -34.27
N LEU B 47 -25.44 24.73 -33.07
CA LEU B 47 -24.50 25.80 -32.80
C LEU B 47 -23.15 25.50 -33.43
N LEU B 48 -22.85 24.19 -33.47
CA LEU B 48 -21.62 23.66 -34.01
C LEU B 48 -21.58 23.85 -35.51
N ARG B 49 -22.71 23.59 -36.15
CA ARG B 49 -22.86 23.71 -37.58
C ARG B 49 -22.53 25.16 -38.02
N ALA B 50 -22.84 26.11 -37.14
CA ALA B 50 -22.60 27.53 -37.42
C ALA B 50 -21.17 27.93 -37.08
N GLY B 51 -20.65 27.40 -35.98
CA GLY B 51 -19.30 27.71 -35.53
C GLY B 51 -18.16 27.09 -36.32
N LEU B 52 -18.39 25.92 -36.92
CA LEU B 52 -17.36 25.32 -37.74
C LEU B 52 -17.34 26.04 -39.05
N PRO B 53 -16.17 26.54 -39.46
CA PRO B 53 -15.99 27.18 -40.77
C PRO B 53 -16.47 26.28 -41.92
N SER B 54 -16.94 26.91 -42.99
CA SER B 54 -17.61 26.22 -44.08
C SER B 54 -16.72 25.21 -44.76
N HIS B 55 -15.45 25.57 -44.94
CA HIS B 55 -14.56 24.72 -45.73
C HIS B 55 -14.29 23.39 -45.06
N PHE B 56 -14.57 23.29 -43.76
CA PHE B 56 -14.40 22.06 -43.01
C PHE B 56 -15.62 21.15 -43.07
N HIS B 57 -16.77 21.69 -43.48
CA HIS B 57 -17.97 20.87 -43.67
C HIS B 57 -17.75 19.90 -44.83
N LEU B 58 -18.12 18.64 -44.62
CA LEU B 58 -18.01 17.60 -45.62
C LEU B 58 -19.33 16.92 -45.86
N GLN B 59 -19.49 16.38 -47.06
CA GLN B 59 -20.61 15.50 -47.33
C GLN B 59 -20.13 14.07 -47.27
N LEU B 60 -20.95 13.16 -46.78
CA LEU B 60 -20.56 11.77 -46.65
C LEU B 60 -20.07 11.21 -47.97
N SER B 61 -20.66 11.69 -49.05
CA SER B 61 -20.36 11.24 -50.41
C SER B 61 -18.94 11.60 -50.82
N GLU B 62 -18.40 12.59 -50.12
CA GLU B 62 -17.11 13.17 -50.39
C GLU B 62 -15.98 12.35 -49.75
N ILE B 63 -16.38 11.33 -48.99
CA ILE B 63 -15.46 10.38 -48.35
C ILE B 63 -15.56 8.95 -48.92
N GLU B 64 -14.48 8.41 -49.45
CA GLU B 64 -14.45 7.03 -49.91
C GLU B 64 -13.82 6.20 -48.83
N PHE B 65 -14.43 5.11 -48.46
CA PHE B 65 -14.05 4.38 -47.28
C PHE B 65 -13.36 3.12 -47.66
N HIS B 66 -12.37 2.72 -46.89
CA HIS B 66 -11.70 1.47 -47.12
C HIS B 66 -11.72 0.60 -45.90
N GLU B 67 -10.57 0.16 -45.41
CA GLU B 67 -10.48 -0.80 -44.34
C GLU B 67 -10.63 -0.19 -43.00
N ILE B 68 -11.15 -0.94 -42.05
CA ILE B 68 -11.25 -0.50 -40.67
C ILE B 68 -9.86 -0.59 -40.07
N ILE B 69 -9.42 0.46 -39.38
CA ILE B 69 -8.12 0.47 -38.74
C ILE B 69 -8.29 0.28 -37.24
N GLY B 70 -9.44 0.69 -36.71
CA GLY B 70 -9.66 0.61 -35.29
C GLY B 70 -11.13 0.68 -34.96
N SER B 71 -11.48 0.34 -33.71
CA SER B 71 -12.85 0.34 -33.22
C SER B 71 -12.94 1.06 -31.90
N GLY B 72 -14.13 1.56 -31.59
CA GLY B 72 -14.40 2.21 -30.31
C GLY B 72 -15.87 2.08 -29.96
N SER B 73 -16.32 2.81 -28.95
CA SER B 73 -17.71 2.73 -28.54
C SER B 73 -18.59 3.77 -29.25
N PHE B 74 -17.93 4.71 -29.91
CA PHE B 74 -18.56 5.79 -30.66
C PHE B 74 -18.86 5.26 -32.06
N GLY B 75 -18.04 4.31 -32.49
CA GLY B 75 -18.09 3.75 -33.83
C GLY B 75 -16.74 3.16 -34.20
N LYS B 76 -16.48 3.08 -35.50
CA LYS B 76 -15.28 2.46 -36.03
C LYS B 76 -14.41 3.49 -36.74
N VAL B 77 -13.13 3.18 -36.92
CA VAL B 77 -12.23 4.12 -37.58
C VAL B 77 -11.71 3.54 -38.87
N TYR B 78 -12.02 4.19 -39.99
CA TYR B 78 -11.64 3.69 -41.30
C TYR B 78 -10.44 4.43 -41.89
N LYS B 79 -9.71 3.74 -42.74
CA LYS B 79 -8.75 4.37 -43.62
C LYS B 79 -9.45 4.69 -44.94
N GLY B 80 -9.28 5.89 -45.45
CA GLY B 80 -9.98 6.18 -46.67
C GLY B 80 -9.30 7.15 -47.60
N ARG B 81 -10.09 7.66 -48.52
CA ARG B 81 -9.60 8.67 -49.42
C ARG B 81 -10.63 9.79 -49.40
N CYS B 82 -10.12 11.00 -49.20
CA CYS B 82 -10.97 12.17 -49.14
C CYS B 82 -10.13 13.39 -49.48
N ARG B 83 -10.65 14.21 -50.40
CA ARG B 83 -10.02 15.45 -50.86
C ARG B 83 -8.60 15.27 -51.35
N ASN B 84 -8.42 14.21 -52.12
CA ASN B 84 -7.18 13.96 -52.81
C ASN B 84 -6.02 13.60 -51.85
N LYS B 85 -6.40 13.23 -50.64
CA LYS B 85 -5.49 12.79 -49.60
C LYS B 85 -5.85 11.37 -49.18
N ILE B 86 -4.88 10.65 -48.62
CA ILE B 86 -5.20 9.47 -47.84
C ILE B 86 -5.54 9.93 -46.41
N VAL B 87 -6.69 9.48 -45.91
CA VAL B 87 -7.20 9.99 -44.64
C VAL B 87 -7.60 8.90 -43.70
N ALA B 88 -7.99 9.34 -42.51
CA ALA B 88 -8.53 8.45 -41.51
C ALA B 88 -9.91 8.99 -41.16
N ILE B 89 -10.92 8.12 -41.18
CA ILE B 89 -12.27 8.55 -40.86
C ILE B 89 -12.80 7.93 -39.55
N LYS B 90 -13.18 8.79 -38.62
CA LYS B 90 -13.76 8.33 -37.37
C LYS B 90 -15.28 8.41 -37.60
N ARG B 91 -15.93 7.28 -37.79
CA ARG B 91 -17.37 7.32 -37.99
C ARG B 91 -18.15 6.95 -36.73
N TYR B 92 -19.25 7.68 -36.50
CA TYR B 92 -20.00 7.56 -35.26
C TYR B 92 -21.27 6.71 -35.41
N ARG B 93 -21.71 6.07 -34.31
CA ARG B 93 -22.87 5.16 -34.29
C ARG B 93 -24.24 5.72 -34.75
N SER B 101 -25.16 12.02 -25.76
CA SER B 101 -23.87 11.74 -25.13
C SER B 101 -22.73 11.69 -26.16
N ASP B 102 -22.95 10.94 -27.24
CA ASP B 102 -21.97 10.86 -28.32
C ASP B 102 -21.80 12.26 -28.88
N VAL B 103 -22.91 13.00 -28.86
CA VAL B 103 -22.97 14.38 -29.32
C VAL B 103 -22.15 15.35 -28.44
N ASP B 104 -22.22 15.16 -27.13
CA ASP B 104 -21.42 16.01 -26.24
C ASP B 104 -19.95 15.82 -26.60
N MET B 105 -19.59 14.60 -27.03
CA MET B 105 -18.21 14.33 -27.43
C MET B 105 -17.90 14.65 -28.89
N PHE B 106 -18.86 14.42 -29.78
CA PHE B 106 -18.67 14.73 -31.20
C PHE B 106 -18.45 16.23 -31.32
N CYS B 107 -19.26 17.03 -30.64
CA CYS B 107 -19.02 18.46 -30.64
C CYS B 107 -17.70 18.82 -29.98
N ARG B 108 -17.38 18.15 -28.88
CA ARG B 108 -16.13 18.41 -28.18
C ARG B 108 -14.97 18.24 -29.16
N GLU B 109 -14.95 17.11 -29.85
CA GLU B 109 -13.86 16.77 -30.76
C GLU B 109 -13.71 17.74 -31.92
N VAL B 110 -14.81 18.00 -32.61
CA VAL B 110 -14.81 18.93 -33.74
C VAL B 110 -14.29 20.30 -33.34
N SER B 111 -14.77 20.77 -32.20
CA SER B 111 -14.37 22.06 -31.68
C SER B 111 -12.87 22.17 -31.43
N ILE B 112 -12.24 21.09 -30.97
CA ILE B 112 -10.78 21.09 -30.79
C ILE B 112 -10.05 21.05 -32.14
N LEU B 113 -10.45 20.13 -33.00
CA LEU B 113 -9.72 19.85 -34.22
C LEU B 113 -9.70 21.04 -35.16
N CYS B 114 -10.72 21.88 -35.12
CA CYS B 114 -10.74 23.00 -36.06
C CYS B 114 -9.82 24.14 -35.61
N GLN B 115 -9.18 23.97 -34.45
CA GLN B 115 -8.29 24.97 -33.91
C GLN B 115 -6.84 24.61 -34.19
N LEU B 116 -6.60 23.36 -34.53
CA LEU B 116 -5.23 22.86 -34.52
C LEU B 116 -4.45 23.12 -35.81
N ASN B 117 -3.38 23.89 -35.68
CA ASN B 117 -2.43 24.05 -36.76
C ASN B 117 -1.01 23.97 -36.20
N HIS B 118 -0.48 22.75 -36.13
CA HIS B 118 0.89 22.54 -35.65
C HIS B 118 1.41 21.23 -36.20
N PRO B 119 2.69 21.20 -36.59
CA PRO B 119 3.26 20.00 -37.22
C PRO B 119 3.35 18.77 -36.31
N CYS B 120 3.18 18.96 -35.01
CA CYS B 120 3.25 17.86 -34.04
C CYS B 120 1.90 17.48 -33.44
N VAL B 121 0.83 17.96 -34.06
CA VAL B 121 -0.52 17.63 -33.66
C VAL B 121 -1.24 17.22 -34.95
N ILE B 122 -2.11 16.23 -34.87
CA ILE B 122 -2.83 15.72 -36.04
C ILE B 122 -3.55 16.80 -36.88
N GLN B 123 -3.57 16.64 -38.21
CA GLN B 123 -4.26 17.60 -39.09
C GLN B 123 -5.70 17.18 -39.42
N PHE B 124 -6.61 18.12 -39.19
CA PHE B 124 -8.04 17.94 -39.44
C PHE B 124 -8.35 18.22 -40.91
N VAL B 125 -9.18 17.36 -41.50
CA VAL B 125 -9.56 17.56 -42.89
C VAL B 125 -10.96 18.17 -42.92
N GLY B 126 -11.85 17.65 -42.10
CA GLY B 126 -13.19 18.20 -42.00
C GLY B 126 -14.10 17.20 -41.33
N ALA B 127 -15.35 17.57 -41.12
CA ALA B 127 -16.32 16.64 -40.52
C ALA B 127 -17.64 16.69 -41.25
N CYS B 128 -18.42 15.62 -41.18
CA CYS B 128 -19.75 15.60 -41.76
C CYS B 128 -20.85 15.83 -40.71
N LEU B 129 -21.79 16.72 -41.02
CA LEU B 129 -22.79 17.15 -40.04
C LEU B 129 -24.25 17.19 -40.52
N ASN B 130 -24.59 16.53 -41.63
CA ASN B 130 -25.97 16.58 -42.10
C ASN B 130 -26.96 15.89 -41.17
N ASP B 131 -26.82 14.57 -40.99
CA ASP B 131 -27.73 13.84 -40.10
C ASP B 131 -26.92 13.02 -39.10
N PRO B 132 -27.54 12.73 -37.94
CA PRO B 132 -26.92 11.92 -36.89
C PRO B 132 -26.50 10.56 -37.43
N SER B 133 -27.18 10.12 -38.49
CA SER B 133 -26.81 8.91 -39.19
C SER B 133 -25.47 9.09 -39.96
N GLN B 134 -25.13 10.33 -40.32
CA GLN B 134 -23.94 10.58 -41.13
C GLN B 134 -22.71 11.20 -40.44
N PHE B 135 -22.68 11.21 -39.11
CA PHE B 135 -21.57 11.83 -38.38
C PHE B 135 -20.21 11.16 -38.67
N ALA B 136 -19.25 12.00 -39.05
CA ALA B 136 -17.90 11.56 -39.40
C ALA B 136 -16.90 12.66 -39.14
N ILE B 137 -15.68 12.26 -38.80
CA ILE B 137 -14.58 13.18 -38.57
C ILE B 137 -13.41 12.69 -39.40
N VAL B 138 -12.82 13.58 -40.19
CA VAL B 138 -11.76 13.16 -41.09
C VAL B 138 -10.43 13.83 -40.76
N THR B 139 -9.37 13.03 -40.67
CA THR B 139 -8.06 13.57 -40.38
C THR B 139 -7.04 13.04 -41.35
N GLN B 140 -5.82 13.54 -41.26
CA GLN B 140 -4.72 12.98 -42.04
C GLN B 140 -4.46 11.51 -41.64
N TYR B 141 -3.79 10.75 -42.48
CA TYR B 141 -3.43 9.37 -42.15
C TYR B 141 -1.92 9.37 -41.95
N ILE B 142 -1.49 9.03 -40.75
CA ILE B 142 -0.06 8.96 -40.45
C ILE B 142 0.39 7.51 -40.64
N SER B 143 1.21 7.26 -41.68
CA SER B 143 1.37 5.89 -42.20
C SER B 143 2.20 4.98 -41.32
N GLY B 144 2.99 5.58 -40.43
CA GLY B 144 3.83 4.78 -39.57
C GLY B 144 3.14 4.23 -38.35
N GLY B 145 1.90 4.62 -38.10
CA GLY B 145 1.17 4.02 -36.98
C GLY B 145 1.50 4.54 -35.59
N SER B 146 0.97 3.86 -34.58
CA SER B 146 1.18 4.29 -33.20
C SER B 146 2.52 3.88 -32.63
N LEU B 147 2.98 4.68 -31.66
CA LEU B 147 4.21 4.44 -30.91
C LEU B 147 4.13 3.14 -30.12
N PHE B 148 2.93 2.81 -29.67
CA PHE B 148 2.69 1.57 -28.93
C PHE B 148 3.05 0.34 -29.74
N SER B 149 2.59 0.29 -30.98
CA SER B 149 2.93 -0.81 -31.86
C SER B 149 4.45 -0.90 -32.13
N LEU B 150 5.05 0.25 -32.40
CA LEU B 150 6.48 0.32 -32.68
C LEU B 150 7.28 -0.22 -31.50
N LEU B 151 6.88 0.10 -30.28
CA LEU B 151 7.70 -0.29 -29.14
C LEU B 151 7.37 -1.69 -28.62
N HIS B 152 6.11 -2.12 -28.72
CA HIS B 152 5.65 -3.30 -28.02
C HIS B 152 5.04 -4.41 -28.89
N GLU B 153 4.67 -4.09 -30.11
CA GLU B 153 4.14 -5.13 -31.00
C GLU B 153 5.15 -5.53 -32.05
N GLN B 154 5.69 -4.55 -32.78
CA GLN B 154 6.76 -4.84 -33.72
C GLN B 154 8.08 -5.03 -32.97
N LYS B 155 8.13 -4.51 -31.75
CA LYS B 155 9.32 -4.53 -30.89
C LYS B 155 10.58 -4.15 -31.68
N ARG B 156 10.58 -2.91 -32.16
CA ARG B 156 11.71 -2.44 -32.91
C ARG B 156 12.73 -1.86 -31.95
N ILE B 157 14.00 -2.12 -32.22
CA ILE B 157 15.06 -1.50 -31.44
C ILE B 157 15.44 -0.19 -32.09
N LEU B 158 15.41 0.88 -31.31
CA LEU B 158 15.63 2.23 -31.83
C LEU B 158 16.94 2.84 -31.39
N ASP B 159 17.45 3.73 -32.23
CA ASP B 159 18.58 4.60 -31.92
C ASP B 159 18.18 5.47 -30.72
N LEU B 160 19.15 5.96 -29.95
CA LEU B 160 18.82 6.92 -28.91
C LEU B 160 18.35 8.23 -29.51
N GLN B 161 18.99 8.66 -30.59
CA GLN B 161 18.59 9.90 -31.25
C GLN B 161 17.18 9.81 -31.81
N SER B 162 16.83 8.65 -32.35
CA SER B 162 15.48 8.41 -32.82
C SER B 162 14.47 8.61 -31.67
N LYS B 163 14.76 8.04 -30.52
CA LYS B 163 13.92 8.14 -29.33
C LYS B 163 13.76 9.58 -28.90
N LEU B 164 14.86 10.32 -28.91
CA LEU B 164 14.81 11.71 -28.48
C LEU B 164 14.05 12.62 -29.45
N ILE B 165 14.04 12.28 -30.73
CA ILE B 165 13.29 13.08 -31.68
C ILE B 165 11.78 12.97 -31.42
N ILE B 166 11.31 11.73 -31.25
CA ILE B 166 9.92 11.47 -30.90
C ILE B 166 9.50 12.19 -29.63
N ALA B 167 10.30 12.06 -28.58
CA ALA B 167 10.03 12.71 -27.30
C ALA B 167 9.91 14.20 -27.48
N VAL B 168 10.81 14.78 -28.25
CA VAL B 168 10.77 16.23 -28.44
C VAL B 168 9.51 16.63 -29.20
N ASP B 169 9.12 15.81 -30.18
CA ASP B 169 7.97 16.12 -31.00
C ASP B 169 6.70 16.11 -30.16
N VAL B 170 6.56 15.09 -29.33
CA VAL B 170 5.41 15.00 -28.46
C VAL B 170 5.36 16.19 -27.53
N ALA B 171 6.50 16.59 -26.99
CA ALA B 171 6.54 17.73 -26.08
C ALA B 171 6.20 19.05 -26.76
N LYS B 172 6.66 19.22 -28.00
CA LYS B 172 6.35 20.41 -28.81
C LYS B 172 4.85 20.51 -29.06
N GLY B 173 4.27 19.39 -29.49
CA GLY B 173 2.84 19.30 -29.71
C GLY B 173 2.05 19.59 -28.46
N MET B 174 2.53 19.11 -27.32
CA MET B 174 1.83 19.32 -26.05
C MET B 174 1.95 20.76 -25.60
N GLU B 175 3.10 21.35 -25.85
CA GLU B 175 3.31 22.75 -25.52
C GLU B 175 2.36 23.61 -26.33
N TYR B 176 2.13 23.20 -27.58
CA TYR B 176 1.19 23.89 -28.45
C TYR B 176 -0.22 23.84 -27.89
N LEU B 177 -0.65 22.66 -27.47
CA LEU B 177 -2.00 22.50 -26.93
C LEU B 177 -2.18 23.29 -25.63
N HIS B 178 -1.13 23.37 -24.84
CA HIS B 178 -1.23 24.06 -23.55
C HIS B 178 -1.16 25.57 -23.70
N ASN B 179 -0.73 26.04 -24.85
CA ASN B 179 -0.57 27.47 -25.06
C ASN B 179 -1.59 28.13 -26.00
N LEU B 180 -2.69 27.45 -26.26
CA LEU B 180 -3.81 28.02 -27.00
C LEU B 180 -4.53 29.00 -26.07
N THR B 181 -5.24 29.97 -26.62
CA THR B 181 -5.92 31.00 -25.82
C THR B 181 -6.89 30.40 -24.77
N GLN B 182 -7.58 29.35 -25.18
CA GLN B 182 -8.31 28.49 -24.25
C GLN B 182 -7.59 27.15 -24.26
N PRO B 183 -6.61 26.98 -23.34
CA PRO B 183 -5.72 25.82 -23.30
C PRO B 183 -6.46 24.48 -23.16
N ILE B 184 -5.89 23.46 -23.77
CA ILE B 184 -6.53 22.15 -23.91
C ILE B 184 -5.78 21.10 -23.10
N ILE B 185 -6.47 20.54 -22.10
CA ILE B 185 -5.89 19.43 -21.37
C ILE B 185 -6.14 18.18 -22.21
N HIS B 186 -5.07 17.52 -22.63
CA HIS B 186 -5.23 16.32 -23.44
C HIS B 186 -5.93 15.22 -22.66
N ARG B 187 -5.49 14.97 -21.42
CA ARG B 187 -6.20 14.07 -20.51
C ARG B 187 -6.04 12.57 -20.88
N ASP B 188 -5.54 12.25 -22.07
CA ASP B 188 -5.41 10.86 -22.48
C ASP B 188 -4.10 10.60 -23.23
N LEU B 189 -3.03 11.30 -22.82
CA LEU B 189 -1.76 11.13 -23.49
C LEU B 189 -1.14 9.80 -23.13
N ASN B 190 -0.97 8.93 -24.12
CA ASN B 190 -0.23 7.69 -23.92
C ASN B 190 0.30 7.23 -25.26
N SER B 191 1.03 6.13 -25.28
CA SER B 191 1.69 5.68 -26.51
C SER B 191 0.73 5.22 -27.61
N HIS B 192 -0.54 4.99 -27.27
CA HIS B 192 -1.54 4.64 -28.27
C HIS B 192 -1.94 5.89 -29.04
N ASN B 193 -1.80 7.04 -28.38
CA ASN B 193 -2.22 8.30 -28.94
C ASN B 193 -1.07 9.09 -29.51
N ILE B 194 0.04 8.40 -29.73
CA ILE B 194 1.15 9.05 -30.42
C ILE B 194 1.44 8.32 -31.72
N LEU B 195 1.22 9.01 -32.85
CA LEU B 195 1.42 8.42 -34.17
C LEU B 195 2.76 8.83 -34.79
N LEU B 196 3.29 7.99 -35.68
CA LEU B 196 4.62 8.23 -36.26
C LEU B 196 4.63 8.30 -37.78
N TYR B 197 5.32 9.29 -38.33
CA TYR B 197 5.53 9.33 -39.77
C TYR B 197 6.58 8.28 -40.18
N GLU B 198 6.70 7.98 -41.46
CA GLU B 198 7.71 7.01 -41.89
C GLU B 198 9.12 7.58 -41.67
N ASP B 199 9.29 8.89 -41.66
CA ASP B 199 10.62 9.42 -41.38
C ASP B 199 10.96 9.52 -39.86
N GLY B 200 10.05 9.06 -39.00
CA GLY B 200 10.32 8.98 -37.58
C GLY B 200 9.96 10.17 -36.71
N HIS B 201 9.28 11.16 -37.29
CA HIS B 201 8.71 12.25 -36.50
C HIS B 201 7.37 11.80 -35.90
N ALA B 202 6.85 12.54 -34.94
CA ALA B 202 5.67 12.09 -34.24
C ALA B 202 4.58 13.13 -34.09
N VAL B 203 3.35 12.68 -34.02
CA VAL B 203 2.19 13.56 -33.99
C VAL B 203 1.30 13.19 -32.83
N VAL B 204 0.81 14.16 -32.09
CA VAL B 204 -0.10 13.91 -30.97
C VAL B 204 -1.54 13.84 -31.42
N ALA B 205 -2.23 12.78 -31.07
CA ALA B 205 -3.60 12.61 -31.51
C ALA B 205 -4.44 12.14 -30.32
N ASP B 206 -5.73 11.92 -30.52
CA ASP B 206 -6.55 11.39 -29.45
C ASP B 206 -7.55 10.43 -30.05
N PHE B 207 -7.43 9.13 -29.80
CA PHE B 207 -8.39 8.20 -30.39
C PHE B 207 -9.74 8.25 -29.65
N GLY B 208 -9.71 8.81 -28.44
CA GLY B 208 -10.93 9.01 -27.69
C GLY B 208 -11.44 7.73 -27.05
N GLU B 209 -10.84 7.35 -25.93
CA GLU B 209 -11.29 6.19 -25.14
C GLU B 209 -11.97 6.64 -23.83
N PRO B 225 -19.49 20.91 -1.53
CA PRO B 225 -18.32 21.66 -1.06
C PRO B 225 -17.60 20.97 0.12
N GLY B 226 -18.10 21.14 1.35
CA GLY B 226 -17.55 20.57 2.59
C GLY B 226 -16.40 21.32 3.26
N ASN B 227 -15.85 20.80 4.35
CA ASN B 227 -14.66 21.45 4.90
C ASN B 227 -13.40 20.63 4.60
N LEU B 228 -12.46 21.26 3.90
CA LEU B 228 -11.34 20.56 3.30
C LEU B 228 -10.33 20.03 4.33
N ARG B 229 -10.31 20.65 5.50
CA ARG B 229 -9.34 20.32 6.52
C ARG B 229 -9.43 18.88 7.04
N TRP B 230 -10.63 18.31 7.11
CA TRP B 230 -10.79 16.93 7.58
C TRP B 230 -11.06 15.93 6.45
N MET B 231 -11.04 16.42 5.22
CA MET B 231 -11.36 15.57 4.08
C MET B 231 -10.30 14.54 3.76
N ALA B 232 -10.74 13.35 3.36
CA ALA B 232 -9.80 12.34 2.89
C ALA B 232 -9.26 12.79 1.56
N PRO B 233 -7.97 12.50 1.28
CA PRO B 233 -7.31 12.94 0.05
C PRO B 233 -7.96 12.45 -1.25
N GLU B 234 -8.60 11.30 -1.28
CA GLU B 234 -9.29 10.86 -2.49
C GLU B 234 -10.61 11.62 -2.65
N VAL B 235 -11.02 12.31 -1.59
CA VAL B 235 -12.25 13.09 -1.63
C VAL B 235 -11.91 14.50 -2.07
N PHE B 236 -10.80 15.00 -1.54
CA PHE B 236 -10.28 16.30 -1.92
C PHE B 236 -9.99 16.38 -3.41
N THR B 237 -9.55 15.27 -3.99
CA THR B 237 -9.12 15.30 -5.39
C THR B 237 -10.31 15.34 -6.36
N GLN B 238 -11.45 14.80 -5.93
CA GLN B 238 -12.65 14.80 -6.78
C GLN B 238 -13.41 16.10 -6.66
N CYS B 239 -12.88 17.04 -5.89
CA CYS B 239 -13.46 18.37 -5.74
C CYS B 239 -12.56 19.41 -6.36
N THR B 240 -11.42 18.97 -6.86
CA THR B 240 -10.41 19.85 -7.40
C THR B 240 -10.37 19.60 -8.89
N ARG B 241 -10.52 20.66 -9.68
CA ARG B 241 -10.37 20.52 -11.12
C ARG B 241 -8.93 20.13 -11.45
N TYR B 242 -8.77 19.14 -12.33
CA TYR B 242 -7.43 18.82 -12.82
C TYR B 242 -6.99 19.86 -13.87
N THR B 243 -5.69 20.07 -13.94
CA THR B 243 -5.11 21.12 -14.77
C THR B 243 -4.26 20.54 -15.89
N ILE B 244 -3.57 21.41 -16.62
CA ILE B 244 -2.72 20.95 -17.73
C ILE B 244 -1.52 20.11 -17.27
N LYS B 245 -1.19 20.21 -15.99
CA LYS B 245 -0.09 19.44 -15.40
C LYS B 245 -0.33 17.91 -15.38
N ALA B 246 -1.56 17.50 -15.68
CA ALA B 246 -1.90 16.09 -15.72
C ALA B 246 -1.26 15.46 -16.93
N ASP B 247 -1.11 16.25 -17.98
CA ASP B 247 -0.54 15.74 -19.22
C ASP B 247 0.95 15.56 -19.04
N VAL B 248 1.54 16.37 -18.16
CA VAL B 248 2.98 16.32 -17.91
C VAL B 248 3.32 15.01 -17.23
N PHE B 249 2.44 14.59 -16.33
CA PHE B 249 2.60 13.31 -15.66
C PHE B 249 2.50 12.23 -16.71
N SER B 250 1.48 12.30 -17.56
CA SER B 250 1.27 11.24 -18.54
C SER B 250 2.46 11.22 -19.49
N TYR B 251 3.00 12.39 -19.77
CA TYR B 251 4.17 12.50 -20.64
C TYR B 251 5.38 11.81 -20.00
N ALA B 252 5.62 12.11 -18.73
CA ALA B 252 6.75 11.51 -18.03
C ALA B 252 6.74 9.99 -18.16
N LEU B 253 5.55 9.40 -18.13
CA LEU B 253 5.41 7.95 -18.30
C LEU B 253 5.75 7.52 -19.70
N CYS B 254 5.33 8.29 -20.70
CA CYS B 254 5.63 7.95 -22.10
C CYS B 254 7.12 8.05 -22.40
N LEU B 255 7.75 9.07 -21.83
CA LEU B 255 9.18 9.27 -22.00
C LEU B 255 9.99 8.14 -21.36
N TRP B 256 9.56 7.68 -20.20
CA TRP B 256 10.19 6.55 -19.59
C TRP B 256 9.98 5.29 -20.42
N GLU B 257 8.78 5.14 -20.95
CA GLU B 257 8.42 4.03 -21.84
C GLU B 257 9.19 4.10 -23.19
N ILE B 258 9.44 5.30 -23.65
CA ILE B 258 10.22 5.48 -24.87
C ILE B 258 11.67 5.04 -24.69
N LEU B 259 12.31 5.53 -23.62
CA LEU B 259 13.72 5.31 -23.41
C LEU B 259 14.03 3.87 -23.08
N THR B 260 13.17 3.23 -22.31
CA THR B 260 13.46 1.87 -21.88
C THR B 260 12.80 0.85 -22.80
N GLY B 261 11.88 1.30 -23.63
CA GLY B 261 11.14 0.41 -24.52
C GLY B 261 10.31 -0.62 -23.77
N GLU B 262 9.84 -0.22 -22.59
CA GLU B 262 9.13 -1.07 -21.64
C GLU B 262 7.78 -0.41 -21.36
N ILE B 263 6.73 -1.21 -21.25
CA ILE B 263 5.46 -0.65 -20.81
C ILE B 263 5.58 -0.33 -19.31
N PRO B 264 5.10 0.85 -18.91
CA PRO B 264 5.12 1.24 -17.49
C PRO B 264 4.33 0.25 -16.66
N PHE B 265 4.95 -0.42 -15.68
CA PHE B 265 4.25 -1.42 -14.88
C PHE B 265 3.65 -2.53 -15.74
N ALA B 266 4.52 -3.22 -16.47
CA ALA B 266 4.09 -4.25 -17.42
C ALA B 266 3.42 -5.43 -16.74
N HIS B 267 3.80 -5.68 -15.50
CA HIS B 267 3.34 -6.85 -14.76
C HIS B 267 1.98 -6.62 -14.10
N LEU B 268 1.42 -5.43 -14.33
CA LEU B 268 0.18 -5.05 -13.67
C LEU B 268 -0.88 -4.80 -14.72
N LYS B 269 -2.14 -4.93 -14.32
CA LYS B 269 -3.25 -4.53 -15.17
C LYS B 269 -3.40 -3.00 -15.01
N PRO B 270 -3.96 -2.33 -16.02
CA PRO B 270 -4.04 -0.86 -16.00
C PRO B 270 -4.51 -0.27 -14.67
N ALA B 271 -5.61 -0.79 -14.13
CA ALA B 271 -6.14 -0.25 -12.89
C ALA B 271 -5.22 -0.55 -11.70
N ALA B 272 -4.55 -1.70 -11.73
CA ALA B 272 -3.61 -2.04 -10.67
C ALA B 272 -2.49 -1.03 -10.69
N ALA B 273 -2.01 -0.72 -11.89
CA ALA B 273 -0.93 0.24 -12.07
C ALA B 273 -1.34 1.65 -11.64
N ALA B 274 -2.56 2.02 -11.98
CA ALA B 274 -3.07 3.35 -11.65
C ALA B 274 -3.13 3.57 -10.15
N ALA B 275 -3.57 2.55 -9.43
CA ALA B 275 -3.67 2.62 -7.99
C ALA B 275 -2.30 2.63 -7.33
N ASP B 276 -1.35 1.89 -7.88
CA ASP B 276 -0.01 1.91 -7.30
C ASP B 276 0.63 3.29 -7.41
N MET B 277 0.26 4.05 -8.43
CA MET B 277 0.84 5.37 -8.57
C MET B 277 0.16 6.40 -7.64
N ALA B 278 -1.14 6.25 -7.44
CA ALA B 278 -1.92 7.23 -6.70
C ALA B 278 -1.86 6.96 -5.20
N TYR B 279 -1.94 5.69 -4.84
CA TYR B 279 -2.06 5.30 -3.45
C TYR B 279 -0.73 4.95 -2.80
N HIS B 280 0.13 4.23 -3.51
CA HIS B 280 1.37 3.79 -2.92
C HIS B 280 2.57 4.59 -3.46
N HIS B 281 2.28 5.57 -4.32
CA HIS B 281 3.27 6.53 -4.85
C HIS B 281 4.46 5.86 -5.56
N ILE B 282 4.16 4.70 -6.14
CA ILE B 282 5.10 3.92 -6.92
C ILE B 282 5.29 4.60 -8.25
N ARG B 283 6.56 4.63 -8.66
CA ARG B 283 6.94 5.15 -9.95
C ARG B 283 7.77 4.06 -10.62
N PRO B 284 7.95 4.15 -11.95
CA PRO B 284 8.84 3.25 -12.72
C PRO B 284 10.31 3.40 -12.33
N PRO B 285 11.08 2.32 -12.50
CA PRO B 285 12.50 2.30 -12.13
C PRO B 285 13.38 3.21 -12.98
N ILE B 286 13.99 4.22 -12.36
CA ILE B 286 15.00 5.01 -13.05
C ILE B 286 16.38 4.46 -12.72
N GLY B 287 16.88 3.63 -13.64
CA GLY B 287 18.21 3.10 -13.49
C GLY B 287 19.29 4.17 -13.61
N TYR B 288 20.53 3.77 -13.33
CA TYR B 288 21.66 4.66 -13.57
C TYR B 288 21.81 4.79 -15.10
N SER B 289 21.27 3.81 -15.83
CA SER B 289 21.36 3.76 -17.29
C SER B 289 20.68 4.94 -18.04
N ILE B 290 19.56 5.44 -17.51
CA ILE B 290 18.86 6.64 -18.01
C ILE B 290 19.66 7.93 -17.82
N PRO B 291 19.92 8.66 -18.91
CA PRO B 291 20.73 9.89 -18.92
C PRO B 291 20.48 10.83 -17.74
N LYS B 292 21.58 11.39 -17.23
CA LYS B 292 21.54 12.21 -16.03
C LYS B 292 20.59 13.42 -16.05
N PRO B 293 20.65 14.25 -17.12
CA PRO B 293 19.78 15.43 -17.11
C PRO B 293 18.32 15.04 -17.33
N ILE B 294 18.12 13.90 -17.98
CA ILE B 294 16.78 13.43 -18.31
C ILE B 294 16.06 12.90 -17.09
N SER B 295 16.72 12.05 -16.31
CA SER B 295 16.09 11.43 -15.14
C SER B 295 15.52 12.47 -14.20
N SER B 296 16.14 13.64 -14.13
CA SER B 296 15.61 14.70 -13.29
C SER B 296 14.24 15.15 -13.80
N LEU B 297 14.08 15.20 -15.13
CA LEU B 297 12.80 15.59 -15.71
C LEU B 297 11.75 14.61 -15.35
N LEU B 298 12.07 13.31 -15.46
CA LEU B 298 11.12 12.27 -15.15
C LEU B 298 10.66 12.43 -13.70
N ILE B 299 11.62 12.45 -12.77
CA ILE B 299 11.33 12.54 -11.34
C ILE B 299 10.37 13.71 -11.07
N ARG B 300 10.66 14.89 -11.63
CA ARG B 300 9.79 16.06 -11.43
C ARG B 300 8.52 15.94 -12.25
N GLY B 301 8.60 15.26 -13.37
CA GLY B 301 7.45 15.17 -14.26
C GLY B 301 6.32 14.41 -13.61
N TRP B 302 6.64 13.27 -12.99
CA TRP B 302 5.61 12.43 -12.40
C TRP B 302 5.50 12.59 -10.88
N ASN B 303 5.80 13.80 -10.43
CA ASN B 303 5.59 14.17 -9.05
C ASN B 303 4.09 14.14 -8.65
N ALA B 304 3.83 13.81 -7.40
CA ALA B 304 2.45 13.75 -6.94
C ALA B 304 1.76 15.14 -6.92
N CYS B 305 2.50 16.18 -6.52
CA CYS B 305 1.97 17.55 -6.54
C CYS B 305 2.01 18.11 -7.95
N PRO B 306 0.82 18.41 -8.51
CA PRO B 306 0.71 18.89 -9.89
C PRO B 306 1.56 20.12 -10.14
N GLU B 307 1.66 21.00 -9.15
CA GLU B 307 2.35 22.26 -9.28
C GLU B 307 3.82 22.07 -9.40
N GLY B 308 4.32 20.98 -8.84
CA GLY B 308 5.73 20.73 -8.86
C GLY B 308 6.22 20.10 -10.15
N ARG B 309 5.35 20.03 -11.15
CA ARG B 309 5.72 19.37 -12.41
C ARG B 309 6.11 20.41 -13.43
N PRO B 310 7.13 20.13 -14.26
CA PRO B 310 7.55 21.15 -15.24
C PRO B 310 6.44 21.51 -16.23
N GLU B 311 6.54 22.70 -16.82
CA GLU B 311 5.68 23.08 -17.93
C GLU B 311 6.28 22.49 -19.19
N PHE B 312 5.50 22.34 -20.25
CA PHE B 312 6.07 21.74 -21.46
C PHE B 312 7.14 22.57 -22.16
N SER B 313 7.06 23.88 -22.05
CA SER B 313 8.11 24.76 -22.54
C SER B 313 9.48 24.35 -21.96
N GLU B 314 9.53 24.10 -20.65
CA GLU B 314 10.78 23.69 -20.03
C GLU B 314 11.22 22.30 -20.48
N VAL B 315 10.27 21.40 -20.61
CA VAL B 315 10.55 20.02 -21.05
C VAL B 315 11.18 20.06 -22.44
N VAL B 316 10.63 20.91 -23.30
CA VAL B 316 11.16 21.06 -24.66
C VAL B 316 12.62 21.51 -24.67
N MET B 317 12.90 22.61 -23.98
CA MET B 317 14.25 23.14 -23.94
C MET B 317 15.30 22.14 -23.52
N LYS B 318 15.02 21.41 -22.44
CA LYS B 318 15.99 20.47 -21.91
C LYS B 318 16.14 19.26 -22.83
N LEU B 319 15.03 18.86 -23.44
CA LEU B 319 15.06 17.71 -24.33
C LEU B 319 15.81 18.00 -25.62
N GLU B 320 15.73 19.25 -26.07
CA GLU B 320 16.44 19.67 -27.29
C GLU B 320 17.94 19.75 -27.02
N GLU B 321 18.28 20.28 -25.85
CA GLU B 321 19.65 20.35 -25.35
C GLU B 321 20.32 18.98 -25.36
N CYS B 322 19.52 17.95 -25.13
CA CYS B 322 19.98 16.57 -25.11
C CYS B 322 20.24 16.09 -26.51
N LEU B 323 19.47 16.61 -27.46
CA LEU B 323 19.65 16.19 -28.85
C LEU B 323 21.01 16.57 -29.43
N CYS B 324 21.49 17.74 -29.04
CA CYS B 324 22.77 18.24 -29.52
C CYS B 324 23.93 17.40 -28.99
N ASN B 325 23.68 16.67 -27.91
CA ASN B 325 24.71 15.88 -27.22
C ASN B 325 24.58 14.37 -27.45
N ILE B 326 23.37 13.93 -27.78
CA ILE B 326 23.11 12.54 -28.13
C ILE B 326 23.59 12.27 -29.54
N ILE C 45 39.79 -18.61 -1.08
CA ILE C 45 40.93 -17.89 -0.55
C ILE C 45 42.03 -17.76 -1.58
N LEU C 46 42.38 -18.88 -2.21
CA LEU C 46 43.32 -18.90 -3.33
C LEU C 46 42.63 -18.36 -4.58
N LEU C 47 41.32 -18.58 -4.62
CA LEU C 47 40.44 -18.11 -5.69
C LEU C 47 40.29 -16.58 -5.60
N LEU C 48 40.39 -16.08 -4.37
CA LEU C 48 40.32 -14.64 -4.09
C LEU C 48 41.60 -13.97 -4.56
N ARG C 49 42.74 -14.53 -4.16
CA ARG C 49 44.06 -13.96 -4.50
C ARG C 49 44.29 -13.82 -6.00
N ALA C 50 43.73 -14.73 -6.79
CA ALA C 50 43.93 -14.70 -8.24
C ALA C 50 42.99 -13.69 -8.91
N GLY C 51 41.76 -13.62 -8.40
CA GLY C 51 40.74 -12.73 -8.92
C GLY C 51 40.98 -11.26 -8.58
N LEU C 52 41.72 -11.04 -7.48
CA LEU C 52 42.08 -9.70 -7.00
C LEU C 52 43.19 -9.07 -7.84
N PRO C 53 42.97 -7.84 -8.35
CA PRO C 53 43.99 -7.06 -9.07
C PRO C 53 45.28 -6.89 -8.27
N SER C 54 46.41 -6.84 -8.95
CA SER C 54 47.73 -6.91 -8.31
C SER C 54 48.03 -5.76 -7.34
N HIS C 55 47.62 -4.56 -7.74
CA HIS C 55 47.91 -3.40 -6.94
C HIS C 55 47.18 -3.37 -5.60
N PHE C 56 46.20 -4.25 -5.42
CA PHE C 56 45.49 -4.32 -4.15
C PHE C 56 46.18 -5.27 -3.19
N HIS C 57 47.03 -6.14 -3.70
CA HIS C 57 47.75 -7.06 -2.82
C HIS C 57 48.74 -6.29 -1.96
N LEU C 58 48.73 -6.55 -0.66
CA LEU C 58 49.65 -5.87 0.25
C LEU C 58 50.48 -6.85 1.07
N GLN C 59 51.65 -6.40 1.47
CA GLN C 59 52.49 -7.13 2.41
C GLN C 59 52.32 -6.53 3.81
N LEU C 60 52.26 -7.36 4.84
CA LEU C 60 52.11 -6.84 6.20
C LEU C 60 53.22 -5.84 6.58
N SER C 61 54.42 -6.00 6.00
CA SER C 61 55.53 -5.11 6.35
C SER C 61 55.25 -3.68 5.87
N GLU C 62 54.41 -3.60 4.86
CA GLU C 62 54.12 -2.33 4.19
C GLU C 62 53.12 -1.45 4.97
N ILE C 63 52.59 -1.99 6.08
CA ILE C 63 51.62 -1.29 6.92
C ILE C 63 52.18 -0.91 8.28
N GLU C 64 52.19 0.37 8.61
CA GLU C 64 52.59 0.82 9.95
C GLU C 64 51.35 0.94 10.85
N PHE C 65 51.36 0.35 12.04
CA PHE C 65 50.19 0.41 12.94
C PHE C 65 50.42 1.42 14.05
N HIS C 66 49.45 2.29 14.30
CA HIS C 66 49.64 3.31 15.33
C HIS C 66 48.84 3.12 16.60
N GLU C 67 47.59 2.66 16.47
CA GLU C 67 46.72 2.53 17.62
C GLU C 67 45.44 1.84 17.28
N ILE C 68 44.80 1.23 18.26
CA ILE C 68 43.52 0.59 18.02
C ILE C 68 42.38 1.61 18.03
N ILE C 69 41.45 1.46 17.09
CA ILE C 69 40.30 2.35 16.95
C ILE C 69 39.02 1.68 17.46
N GLY C 70 38.99 0.35 17.43
CA GLY C 70 37.82 -0.38 17.85
C GLY C 70 38.10 -1.87 17.87
N SER C 71 37.17 -2.62 18.44
CA SER C 71 37.27 -4.07 18.49
C SER C 71 36.01 -4.66 17.88
N GLY C 72 36.09 -5.92 17.45
CA GLY C 72 34.92 -6.61 16.95
C GLY C 72 35.02 -8.10 17.20
N SER C 73 34.12 -8.86 16.59
CA SER C 73 34.10 -10.30 16.80
C SER C 73 35.06 -10.90 15.78
N PHE C 74 35.50 -10.04 14.88
CA PHE C 74 36.44 -10.40 13.80
C PHE C 74 37.91 -10.22 14.19
N GLY C 75 38.17 -9.21 15.01
CA GLY C 75 39.53 -8.83 15.36
C GLY C 75 39.50 -7.37 15.79
N LYS C 76 40.62 -6.70 15.63
CA LYS C 76 40.71 -5.31 16.07
C LYS C 76 40.85 -4.36 14.86
N VAL C 77 40.50 -3.11 15.09
CA VAL C 77 40.57 -2.09 14.04
C VAL C 77 41.62 -1.08 14.42
N TYR C 78 42.67 -0.96 13.61
CA TYR C 78 43.79 -0.06 13.91
C TYR C 78 43.77 1.20 13.04
N LYS C 79 44.29 2.30 13.57
CA LYS C 79 44.65 3.43 12.72
C LYS C 79 46.12 3.28 12.35
N GLY C 80 46.44 3.40 11.08
CA GLY C 80 47.81 3.22 10.69
C GLY C 80 48.24 4.08 9.53
N ARG C 81 49.34 3.69 8.92
CA ARG C 81 49.85 4.36 7.75
C ARG C 81 50.26 3.27 6.75
N CYS C 82 49.86 3.44 5.48
CA CYS C 82 50.17 2.47 4.46
C CYS C 82 50.12 3.12 3.10
N ARG C 83 51.19 2.96 2.32
CA ARG C 83 51.33 3.54 0.99
C ARG C 83 51.10 5.05 0.96
N ASN C 84 51.62 5.71 1.99
CA ASN C 84 51.65 7.17 2.08
C ASN C 84 50.27 7.76 2.23
N LYS C 85 49.35 6.93 2.70
CA LYS C 85 47.99 7.32 3.04
C LYS C 85 47.80 7.02 4.54
N ILE C 86 46.97 7.82 5.22
CA ILE C 86 46.54 7.44 6.56
C ILE C 86 45.38 6.47 6.40
N VAL C 87 45.47 5.33 7.05
CA VAL C 87 44.57 4.23 6.77
C VAL C 87 43.91 3.66 8.01
N ALA C 88 43.00 2.73 7.79
CA ALA C 88 42.36 1.99 8.87
C ALA C 88 42.58 0.53 8.54
N ILE C 89 43.11 -0.20 9.51
CA ILE C 89 43.40 -1.59 9.25
C ILE C 89 42.52 -2.49 10.06
N LYS C 90 41.77 -3.32 9.35
CA LYS C 90 40.86 -4.31 9.94
C LYS C 90 41.66 -5.59 9.95
N ARG C 91 42.17 -5.99 11.12
CA ARG C 91 42.94 -7.23 11.22
C ARG C 91 42.12 -8.39 11.80
N TYR C 92 42.26 -9.55 11.20
CA TYR C 92 41.35 -10.62 11.49
C TYR C 92 41.98 -11.61 12.45
N ARG C 93 41.20 -12.05 13.42
CA ARG C 93 41.67 -12.99 14.41
C ARG C 93 42.36 -14.16 13.69
N SER C 99 39.47 -20.88 9.91
CA SER C 99 38.30 -21.58 10.44
C SER C 99 36.93 -21.01 9.97
N LYS C 100 36.30 -21.70 9.04
CA LYS C 100 34.86 -21.60 8.73
C LYS C 100 34.30 -20.22 8.32
N SER C 101 33.22 -19.84 8.99
CA SER C 101 32.45 -18.62 8.73
C SER C 101 33.29 -17.36 8.69
N ASP C 102 34.26 -17.27 9.62
CA ASP C 102 35.11 -16.10 9.71
C ASP C 102 35.93 -15.84 8.41
N VAL C 103 36.43 -16.91 7.80
CA VAL C 103 37.16 -16.80 6.53
C VAL C 103 36.19 -16.51 5.38
N ASP C 104 35.04 -17.20 5.41
CA ASP C 104 33.99 -17.05 4.42
C ASP C 104 33.49 -15.62 4.35
N MET C 105 33.54 -14.93 5.49
CA MET C 105 33.11 -13.54 5.56
C MET C 105 34.23 -12.63 5.05
N PHE C 106 35.48 -13.05 5.25
CA PHE C 106 36.66 -12.28 4.82
C PHE C 106 36.72 -12.10 3.31
N CYS C 107 36.52 -13.19 2.58
CA CYS C 107 36.51 -13.17 1.14
C CYS C 107 35.39 -12.30 0.63
N ARG C 108 34.25 -12.37 1.32
CA ARG C 108 33.10 -11.56 1.01
C ARG C 108 33.46 -10.06 1.05
N GLU C 109 34.09 -9.63 2.14
CA GLU C 109 34.39 -8.21 2.27
C GLU C 109 35.35 -7.78 1.15
N VAL C 110 36.45 -8.49 0.99
CA VAL C 110 37.42 -8.17 -0.06
C VAL C 110 36.77 -8.13 -1.44
N SER C 111 35.93 -9.13 -1.76
CA SER C 111 35.25 -9.15 -3.06
C SER C 111 34.43 -7.90 -3.26
N ILE C 112 33.79 -7.45 -2.19
CA ILE C 112 32.97 -6.26 -2.28
C ILE C 112 33.86 -5.02 -2.47
N LEU C 113 34.90 -4.92 -1.63
CA LEU C 113 35.70 -3.70 -1.54
C LEU C 113 36.47 -3.41 -2.81
N CYS C 114 36.89 -4.45 -3.53
CA CYS C 114 37.67 -4.28 -4.74
C CYS C 114 36.78 -3.86 -5.92
N GLN C 115 35.48 -3.74 -5.67
CA GLN C 115 34.54 -3.26 -6.67
C GLN C 115 34.13 -1.81 -6.42
N LEU C 116 34.34 -1.29 -5.21
CA LEU C 116 33.72 -0.01 -4.86
C LEU C 116 34.51 1.21 -5.28
N ASN C 117 33.93 1.98 -6.20
CA ASN C 117 34.53 3.23 -6.65
C ASN C 117 33.54 4.38 -6.74
N HIS C 118 33.36 5.06 -5.62
CA HIS C 118 32.50 6.23 -5.55
C HIS C 118 32.96 7.03 -4.34
N PRO C 119 32.96 8.37 -4.43
CA PRO C 119 33.47 9.24 -3.36
C PRO C 119 32.59 9.23 -2.10
N CYS C 120 31.39 8.67 -2.22
CA CYS C 120 30.46 8.62 -1.11
C CYS C 120 30.39 7.21 -0.52
N VAL C 121 31.34 6.38 -0.92
CA VAL C 121 31.49 5.03 -0.39
C VAL C 121 32.96 4.81 -0.07
N ILE C 122 33.21 4.09 1.01
CA ILE C 122 34.56 3.93 1.52
C ILE C 122 35.57 3.50 0.46
N GLN C 123 36.79 4.03 0.52
CA GLN C 123 37.80 3.66 -0.46
C GLN C 123 38.68 2.52 0.07
N PHE C 124 38.79 1.48 -0.72
CA PHE C 124 39.59 0.33 -0.38
C PHE C 124 41.04 0.65 -0.75
N VAL C 125 41.98 0.32 0.13
CA VAL C 125 43.38 0.51 -0.19
C VAL C 125 44.00 -0.79 -0.67
N GLY C 126 43.69 -1.89 -0.01
CA GLY C 126 44.20 -3.19 -0.42
C GLY C 126 44.04 -4.23 0.67
N ALA C 127 44.50 -5.44 0.43
CA ALA C 127 44.39 -6.50 1.43
C ALA C 127 45.65 -7.36 1.58
N CYS C 128 45.83 -7.95 2.75
CA CYS C 128 46.93 -8.90 2.98
C CYS C 128 46.42 -10.34 2.92
N LEU C 129 47.05 -11.15 2.10
CA LEU C 129 46.57 -12.51 1.81
C LEU C 129 47.67 -13.56 1.84
N ASN C 130 48.78 -13.26 2.49
CA ASN C 130 49.92 -14.18 2.53
C ASN C 130 49.59 -15.46 3.29
N ASP C 131 49.33 -15.34 4.59
CA ASP C 131 48.88 -16.50 5.38
C ASP C 131 47.71 -16.07 6.25
N PRO C 132 46.93 -17.05 6.73
CA PRO C 132 45.78 -16.78 7.62
C PRO C 132 46.09 -15.98 8.91
N SER C 133 47.32 -16.02 9.42
CA SER C 133 47.64 -15.19 10.59
C SER C 133 47.71 -13.69 10.28
N GLN C 134 48.06 -13.37 9.04
CA GLN C 134 48.31 -11.99 8.66
C GLN C 134 47.19 -11.36 7.81
N PHE C 135 46.02 -11.98 7.80
CA PHE C 135 44.89 -11.46 7.04
C PHE C 135 44.53 -10.09 7.56
N ALA C 136 44.40 -9.14 6.63
CA ALA C 136 44.10 -7.76 6.97
C ALA C 136 43.39 -7.07 5.82
N ILE C 137 42.60 -6.07 6.14
CA ILE C 137 41.92 -5.28 5.12
C ILE C 137 42.21 -3.82 5.43
N VAL C 138 42.65 -3.10 4.41
CA VAL C 138 43.06 -1.70 4.57
C VAL C 138 42.15 -0.77 3.78
N THR C 139 41.68 0.30 4.41
CA THR C 139 40.88 1.30 3.69
C THR C 139 41.37 2.70 4.06
N GLN C 140 40.79 3.72 3.43
CA GLN C 140 41.10 5.09 3.79
C GLN C 140 40.71 5.30 5.25
N TYR C 141 41.22 6.35 5.88
CA TYR C 141 40.82 6.68 7.24
C TYR C 141 40.05 7.98 7.16
N ILE C 142 38.75 7.95 7.49
CA ILE C 142 37.97 9.17 7.45
C ILE C 142 37.99 9.77 8.83
N SER C 143 38.68 10.90 8.97
CA SER C 143 39.15 11.39 10.28
C SER C 143 38.11 12.09 11.18
N GLY C 144 36.95 12.43 10.61
CA GLY C 144 35.88 13.05 11.39
C GLY C 144 35.02 12.08 12.19
N GLY C 145 35.26 10.78 12.08
CA GLY C 145 34.54 9.79 12.85
C GLY C 145 33.15 9.51 12.30
N SER C 146 32.36 8.79 13.08
CA SER C 146 31.00 8.47 12.65
C SER C 146 30.02 9.60 12.94
N LEU C 147 28.96 9.62 12.15
CA LEU C 147 27.82 10.49 12.32
C LEU C 147 27.15 10.25 13.67
N PHE C 148 27.21 9.00 14.13
CA PHE C 148 26.66 8.68 15.43
C PHE C 148 27.33 9.50 16.52
N SER C 149 28.66 9.49 16.55
CA SER C 149 29.39 10.26 17.54
C SER C 149 29.10 11.76 17.46
N LEU C 150 29.04 12.26 16.23
CA LEU C 150 28.80 13.67 16.02
C LEU C 150 27.52 14.16 16.69
N LEU C 151 26.45 13.38 16.56
CA LEU C 151 25.14 13.86 16.98
C LEU C 151 24.86 13.53 18.45
N HIS C 152 25.42 12.42 18.91
CA HIS C 152 25.01 11.86 20.18
C HIS C 152 26.08 11.78 21.26
N GLU C 153 27.34 11.86 20.86
CA GLU C 153 28.43 11.85 21.83
C GLU C 153 29.04 13.23 21.99
N GLN C 154 29.50 13.81 20.89
CA GLN C 154 30.02 15.15 20.90
C GLN C 154 28.86 16.12 20.97
N LYS C 155 27.67 15.65 20.59
CA LYS C 155 26.46 16.47 20.56
C LYS C 155 26.63 17.86 19.90
N ARG C 156 26.93 17.86 18.62
CA ARG C 156 27.14 19.10 17.89
C ARG C 156 25.83 19.61 17.26
N ILE C 157 25.62 20.92 17.25
CA ILE C 157 24.44 21.49 16.59
C ILE C 157 24.76 21.84 15.14
N LEU C 158 23.91 21.40 14.21
CA LEU C 158 24.18 21.56 12.77
C LEU C 158 23.29 22.55 12.03
N ASP C 159 23.88 23.23 11.06
CA ASP C 159 23.18 24.08 10.11
C ASP C 159 22.24 23.18 9.34
N LEU C 160 21.16 23.73 8.78
CA LEU C 160 20.32 22.88 7.94
C LEU C 160 21.13 22.46 6.72
N GLN C 161 21.90 23.40 6.19
CA GLN C 161 22.70 23.08 5.04
C GLN C 161 23.72 22.02 5.41
N SER C 162 24.29 22.14 6.60
CA SER C 162 25.21 21.11 7.09
C SER C 162 24.54 19.72 7.10
N LYS C 163 23.31 19.66 7.59
CA LYS C 163 22.57 18.41 7.66
C LYS C 163 22.28 17.81 6.30
N LEU C 164 21.87 18.66 5.36
CA LEU C 164 21.52 18.21 4.01
C LEU C 164 22.71 17.70 3.19
N ILE C 165 23.89 18.23 3.46
CA ILE C 165 25.05 17.74 2.74
C ILE C 165 25.31 16.28 3.13
N ILE C 166 25.30 15.97 4.41
CA ILE C 166 25.46 14.59 4.86
C ILE C 166 24.38 13.64 4.25
N ALA C 167 23.11 14.07 4.31
CA ALA C 167 21.97 13.28 3.79
C ALA C 167 22.15 12.95 2.32
N VAL C 168 22.53 13.97 1.53
CA VAL C 168 22.73 13.76 0.11
C VAL C 168 23.91 12.84 -0.18
N ASP C 169 24.97 12.98 0.60
CA ASP C 169 26.14 12.16 0.35
C ASP C 169 25.81 10.72 0.63
N VAL C 170 25.12 10.48 1.74
CA VAL C 170 24.73 9.11 2.05
C VAL C 170 23.81 8.58 0.96
N ALA C 171 22.87 9.39 0.50
CA ALA C 171 21.93 8.95 -0.52
C ALA C 171 22.64 8.64 -1.86
N LYS C 172 23.66 9.42 -2.20
CA LYS C 172 24.46 9.19 -3.42
C LYS C 172 25.23 7.87 -3.38
N GLY C 173 25.92 7.60 -2.28
CA GLY C 173 26.64 6.36 -2.11
C GLY C 173 25.72 5.15 -2.18
N MET C 174 24.51 5.30 -1.66
CA MET C 174 23.54 4.21 -1.66
C MET C 174 23.02 3.95 -3.04
N GLU C 175 22.81 5.02 -3.81
CA GLU C 175 22.37 4.90 -5.21
C GLU C 175 23.45 4.15 -5.98
N TYR C 176 24.69 4.42 -5.63
CA TYR C 176 25.81 3.70 -6.21
C TYR C 176 25.78 2.20 -5.90
N LEU C 177 25.57 1.84 -4.63
CA LEU C 177 25.55 0.43 -4.24
C LEU C 177 24.34 -0.29 -4.88
N HIS C 178 23.22 0.40 -4.99
CA HIS C 178 21.99 -0.18 -5.53
C HIS C 178 21.95 -0.21 -7.06
N ASN C 179 22.84 0.52 -7.73
CA ASN C 179 22.90 0.49 -9.18
C ASN C 179 24.13 -0.22 -9.71
N LEU C 180 24.76 -1.05 -8.88
CA LEU C 180 25.85 -1.90 -9.36
C LEU C 180 25.29 -3.01 -10.24
N THR C 181 26.14 -3.54 -11.12
CA THR C 181 25.75 -4.61 -12.03
C THR C 181 25.26 -5.80 -11.21
N GLN C 182 25.91 -6.08 -10.10
CA GLN C 182 25.32 -6.95 -9.07
C GLN C 182 25.07 -6.11 -7.80
N PRO C 183 23.86 -5.51 -7.67
CA PRO C 183 23.54 -4.54 -6.62
C PRO C 183 23.66 -5.06 -5.18
N ILE C 184 24.06 -4.19 -4.25
CA ILE C 184 24.39 -4.59 -2.88
C ILE C 184 23.39 -4.05 -1.86
N ILE C 185 22.75 -4.95 -1.11
CA ILE C 185 21.94 -4.51 0.02
C ILE C 185 22.90 -4.26 1.15
N HIS C 186 22.91 -3.04 1.67
CA HIS C 186 23.81 -2.72 2.75
C HIS C 186 23.40 -3.53 3.97
N ARG C 187 22.09 -3.54 4.20
CA ARG C 187 21.41 -4.36 5.21
C ARG C 187 21.64 -3.86 6.64
N ASP C 188 22.65 -3.01 6.84
CA ASP C 188 22.96 -2.50 8.18
C ASP C 188 23.33 -1.00 8.22
N LEU C 189 22.67 -0.20 7.41
CA LEU C 189 22.94 1.23 7.37
C LEU C 189 22.39 1.95 8.59
N ASN C 190 23.29 2.54 9.36
CA ASN C 190 22.84 3.33 10.50
C ASN C 190 23.90 4.37 10.73
N SER C 191 23.67 5.23 11.71
CA SER C 191 24.58 6.34 11.94
C SER C 191 26.00 5.90 12.39
N HIS C 192 26.14 4.64 12.82
CA HIS C 192 27.47 4.13 13.15
C HIS C 192 28.26 3.77 11.87
N ASN C 193 27.55 3.47 10.79
CA ASN C 193 28.22 3.06 9.58
C ASN C 193 28.31 4.21 8.60
N ILE C 194 28.10 5.43 9.09
CA ILE C 194 28.26 6.63 8.28
C ILE C 194 29.37 7.45 8.84
N LEU C 195 30.48 7.56 8.08
CA LEU C 195 31.67 8.27 8.52
C LEU C 195 31.72 9.68 7.91
N LEU C 196 32.37 10.62 8.58
CA LEU C 196 32.35 12.02 8.11
C LEU C 196 33.75 12.66 7.89
N TYR C 197 33.89 13.39 6.79
CA TYR C 197 35.12 14.13 6.56
C TYR C 197 35.21 15.37 7.46
N GLU C 198 36.39 15.97 7.53
CA GLU C 198 36.54 17.17 8.35
C GLU C 198 35.74 18.30 7.71
N ASP C 199 35.56 18.24 6.39
CA ASP C 199 34.76 19.27 5.71
C ASP C 199 33.25 19.01 5.73
N GLY C 200 32.82 17.93 6.40
CA GLY C 200 31.41 17.66 6.59
C GLY C 200 30.72 16.81 5.51
N HIS C 201 31.51 16.30 4.58
CA HIS C 201 31.01 15.33 3.62
C HIS C 201 31.05 13.98 4.28
N ALA C 202 30.28 13.05 3.76
CA ALA C 202 30.11 11.76 4.37
C ALA C 202 30.37 10.62 3.44
N VAL C 203 30.63 9.46 4.02
CA VAL C 203 31.03 8.26 3.32
C VAL C 203 30.28 7.10 3.93
N VAL C 204 29.79 6.19 3.13
CA VAL C 204 29.07 5.02 3.65
C VAL C 204 29.98 3.86 3.83
N ALA C 205 29.97 3.28 5.01
CA ALA C 205 30.83 2.14 5.23
C ALA C 205 30.07 1.07 6.01
N ASP C 206 30.75 -0.02 6.35
CA ASP C 206 30.14 -1.07 7.15
C ASP C 206 31.20 -1.60 8.14
N PHE C 207 31.01 -1.34 9.42
CA PHE C 207 31.98 -1.81 10.42
C PHE C 207 31.92 -3.29 10.68
N GLY C 208 30.98 -3.96 10.02
CA GLY C 208 30.92 -5.40 10.01
C GLY C 208 30.45 -6.01 11.30
N GLU C 209 29.59 -5.28 12.02
CA GLU C 209 28.94 -5.83 13.22
C GLU C 209 27.87 -6.88 12.86
N SER C 210 27.25 -6.69 11.69
CA SER C 210 26.38 -7.66 11.01
C SER C 210 27.00 -9.08 10.88
N ASN C 227 0.77 -22.62 1.53
CA ASN C 227 -0.12 -21.72 0.79
C ASN C 227 -0.30 -20.33 1.41
N LEU C 228 0.08 -19.30 0.66
CA LEU C 228 0.27 -17.97 1.21
C LEU C 228 -1.00 -17.27 1.67
N ARG C 229 -2.13 -17.69 1.15
CA ARG C 229 -3.37 -16.99 1.47
C ARG C 229 -3.70 -17.01 2.98
N TRP C 230 -3.38 -18.10 3.70
CA TRP C 230 -3.69 -18.18 5.12
C TRP C 230 -2.49 -17.97 6.06
N MET C 231 -1.32 -17.67 5.48
CA MET C 231 -0.10 -17.52 6.26
C MET C 231 -0.07 -16.29 7.18
N ALA C 232 0.52 -16.46 8.36
CA ALA C 232 0.71 -15.34 9.26
C ALA C 232 1.76 -14.45 8.61
N PRO C 233 1.63 -13.14 8.80
CA PRO C 233 2.50 -12.15 8.15
C PRO C 233 3.96 -12.26 8.55
N GLU C 234 4.24 -12.64 9.78
CA GLU C 234 5.64 -12.78 10.18
C GLU C 234 6.26 -14.05 9.57
N VAL C 235 5.40 -14.91 9.05
CA VAL C 235 5.81 -16.15 8.39
C VAL C 235 5.99 -15.90 6.89
N PHE C 236 5.10 -15.08 6.33
CA PHE C 236 5.22 -14.63 4.96
C PHE C 236 6.53 -13.89 4.73
N THR C 237 6.98 -13.19 5.77
CA THR C 237 8.15 -12.37 5.62
C THR C 237 9.44 -13.21 5.61
N GLN C 238 9.40 -14.38 6.23
CA GLN C 238 10.57 -15.25 6.25
C GLN C 238 10.68 -16.10 4.99
N CYS C 239 9.73 -15.95 4.08
CA CYS C 239 9.75 -16.69 2.82
C CYS C 239 9.97 -15.75 1.64
N THR C 240 10.07 -14.47 1.97
CA THR C 240 10.28 -13.45 0.96
C THR C 240 11.64 -12.85 1.19
N ARG C 241 12.47 -12.88 0.16
CA ARG C 241 13.77 -12.24 0.22
C ARG C 241 13.51 -10.76 0.40
N TYR C 242 14.22 -10.14 1.32
CA TYR C 242 14.16 -8.70 1.46
C TYR C 242 15.02 -8.07 0.37
N THR C 243 14.67 -6.89 -0.07
CA THR C 243 15.38 -6.29 -1.19
C THR C 243 16.14 -5.01 -0.81
N ILE C 244 16.64 -4.31 -1.82
CA ILE C 244 17.35 -3.06 -1.61
C ILE C 244 16.43 -2.00 -0.99
N LYS C 245 15.13 -2.21 -1.05
CA LYS C 245 14.22 -1.27 -0.40
C LYS C 245 14.36 -1.26 1.14
N ALA C 246 15.05 -2.25 1.68
CA ALA C 246 15.28 -2.29 3.11
C ALA C 246 16.23 -1.20 3.56
N ASP C 247 17.13 -0.81 2.66
CA ASP C 247 18.11 0.22 2.97
C ASP C 247 17.47 1.60 3.02
N VAL C 248 16.36 1.74 2.31
CA VAL C 248 15.63 2.99 2.24
C VAL C 248 14.91 3.22 3.57
N PHE C 249 14.43 2.14 4.17
CA PHE C 249 13.82 2.23 5.47
C PHE C 249 14.87 2.70 6.48
N SER C 250 16.04 2.06 6.44
CA SER C 250 17.12 2.41 7.35
C SER C 250 17.58 3.83 7.12
N TYR C 251 17.65 4.22 5.86
CA TYR C 251 18.07 5.55 5.51
C TYR C 251 17.07 6.57 6.07
N ALA C 252 15.79 6.31 5.87
CA ALA C 252 14.75 7.23 6.36
C ALA C 252 14.89 7.49 7.85
N LEU C 253 15.24 6.45 8.61
CA LEU C 253 15.49 6.61 10.05
C LEU C 253 16.73 7.48 10.29
N CYS C 254 17.76 7.32 9.45
CA CYS C 254 18.96 8.15 9.56
C CYS C 254 18.69 9.59 9.22
N LEU C 255 17.85 9.81 8.22
CA LEU C 255 17.56 11.18 7.81
C LEU C 255 16.85 11.90 8.94
N TRP C 256 15.90 11.21 9.59
CA TRP C 256 15.17 11.76 10.73
C TRP C 256 16.09 12.02 11.88
N GLU C 257 17.04 11.10 12.07
CA GLU C 257 18.03 11.21 13.12
C GLU C 257 18.96 12.42 12.91
N ILE C 258 19.25 12.73 11.64
CA ILE C 258 20.09 13.89 11.35
C ILE C 258 19.37 15.18 11.71
N LEU C 259 18.13 15.27 11.24
CA LEU C 259 17.34 16.47 11.37
C LEU C 259 16.94 16.81 12.79
N THR C 260 16.62 15.79 13.59
CA THR C 260 16.17 16.04 14.96
C THR C 260 17.34 15.92 15.90
N GLY C 261 18.41 15.31 15.40
CA GLY C 261 19.57 15.11 16.23
C GLY C 261 19.27 14.20 17.41
N GLU C 262 18.34 13.29 17.20
CA GLU C 262 17.89 12.35 18.22
C GLU C 262 17.96 10.94 17.69
N ILE C 263 18.27 10.01 18.57
CA ILE C 263 18.21 8.61 18.21
C ILE C 263 16.76 8.16 18.07
N PRO C 264 16.46 7.35 17.02
CA PRO C 264 15.10 6.82 16.82
C PRO C 264 14.67 5.97 18.01
N PHE C 265 13.56 6.34 18.67
CA PHE C 265 13.07 5.64 19.87
C PHE C 265 14.11 5.67 20.96
N ALA C 266 14.53 6.89 21.30
CA ALA C 266 15.60 7.11 22.24
C ALA C 266 15.24 6.48 23.59
N HIS C 267 13.95 6.39 23.87
CA HIS C 267 13.51 5.89 25.17
C HIS C 267 13.45 4.40 25.19
N LEU C 268 13.81 3.75 24.09
CA LEU C 268 13.67 2.30 24.04
C LEU C 268 14.99 1.61 23.78
N LYS C 269 15.08 0.34 24.17
CA LYS C 269 16.21 -0.47 23.79
C LYS C 269 15.95 -0.91 22.36
N PRO C 270 17.01 -1.23 21.61
CA PRO C 270 16.91 -1.59 20.19
C PRO C 270 15.81 -2.60 19.85
N ALA C 271 15.70 -3.71 20.58
CA ALA C 271 14.73 -4.74 20.22
C ALA C 271 13.29 -4.23 20.47
N ALA C 272 13.13 -3.37 21.46
CA ALA C 272 11.83 -2.77 21.73
C ALA C 272 11.47 -1.83 20.59
N ALA C 273 12.44 -1.04 20.15
CA ALA C 273 12.24 -0.07 19.07
C ALA C 273 11.85 -0.80 17.80
N ALA C 274 12.54 -1.92 17.54
CA ALA C 274 12.32 -2.76 16.37
C ALA C 274 10.92 -3.38 16.33
N ALA C 275 10.44 -3.87 17.48
CA ALA C 275 9.10 -4.48 17.54
C ALA C 275 7.98 -3.44 17.45
N ASP C 276 8.21 -2.27 18.05
CA ASP C 276 7.24 -1.18 17.95
C ASP C 276 7.06 -0.72 16.50
N MET C 277 8.10 -0.84 15.69
CA MET C 277 8.01 -0.41 14.29
C MET C 277 7.35 -1.48 13.46
N ALA C 278 7.63 -2.73 13.77
CA ALA C 278 7.19 -3.88 12.98
C ALA C 278 5.79 -4.35 13.36
N TYR C 279 5.55 -4.44 14.67
CA TYR C 279 4.31 -4.98 15.21
C TYR C 279 3.24 -3.93 15.54
N HIS C 280 3.65 -2.80 16.11
CA HIS C 280 2.69 -1.81 16.55
C HIS C 280 2.65 -0.59 15.64
N HIS C 281 3.39 -0.70 14.53
CA HIS C 281 3.42 0.29 13.42
C HIS C 281 3.83 1.73 13.79
N ILE C 282 4.66 1.87 14.82
CA ILE C 282 5.11 3.20 15.26
C ILE C 282 6.25 3.66 14.38
N ARG C 283 6.27 4.96 14.10
CA ARG C 283 7.36 5.61 13.41
C ARG C 283 7.74 6.81 14.27
N PRO C 284 8.93 7.40 14.06
CA PRO C 284 9.29 8.60 14.82
C PRO C 284 8.39 9.78 14.49
N PRO C 285 8.18 10.67 15.46
CA PRO C 285 7.31 11.82 15.21
C PRO C 285 7.90 12.75 14.16
N ILE C 286 7.13 12.99 13.13
CA ILE C 286 7.46 13.96 12.10
C ILE C 286 6.83 15.29 12.45
N GLY C 287 7.63 16.25 12.93
CA GLY C 287 7.08 17.57 13.22
C GLY C 287 6.60 18.34 12.00
N TYR C 288 5.83 19.40 12.22
CA TYR C 288 5.42 20.26 11.11
C TYR C 288 6.55 21.11 10.56
N SER C 289 7.54 21.42 11.41
CA SER C 289 8.69 22.26 11.05
C SER C 289 9.62 21.61 10.01
N ILE C 290 9.66 20.28 9.99
CA ILE C 290 10.45 19.56 9.00
C ILE C 290 9.95 19.94 7.61
N PRO C 291 10.84 20.51 6.76
CA PRO C 291 10.56 20.96 5.40
C PRO C 291 9.76 19.94 4.55
N LYS C 292 8.83 20.44 3.72
CA LYS C 292 7.86 19.57 3.00
C LYS C 292 8.47 18.41 2.20
N PRO C 293 9.53 18.68 1.39
CA PRO C 293 9.97 17.53 0.58
C PRO C 293 10.61 16.43 1.41
N ILE C 294 11.20 16.81 2.55
CA ILE C 294 11.89 15.85 3.37
C ILE C 294 10.88 15.01 4.15
N SER C 295 9.90 15.68 4.74
CA SER C 295 8.88 14.94 5.45
C SER C 295 8.19 13.95 4.49
N SER C 296 8.06 14.33 3.22
CA SER C 296 7.45 13.41 2.28
C SER C 296 8.34 12.19 2.10
N LEU C 297 9.64 12.43 2.08
CA LEU C 297 10.60 11.34 1.89
C LEU C 297 10.50 10.38 3.08
N LEU C 298 10.36 10.92 4.28
CA LEU C 298 10.24 10.09 5.48
C LEU C 298 9.04 9.12 5.47
N ILE C 299 7.83 9.66 5.33
CA ILE C 299 6.62 8.85 5.33
C ILE C 299 6.67 7.69 4.35
N ARG C 300 7.07 8.03 3.15
CA ARG C 300 7.15 7.07 2.08
C ARG C 300 8.37 6.18 2.33
N GLY C 301 9.41 6.75 2.93
CA GLY C 301 10.64 6.02 3.13
C GLY C 301 10.50 4.88 4.12
N TRP C 302 9.89 5.14 5.26
CA TRP C 302 9.76 4.09 6.24
C TRP C 302 8.35 3.49 6.25
N ASN C 303 7.80 3.44 5.05
CA ASN C 303 6.55 2.76 4.82
C ASN C 303 6.70 1.26 5.06
N ALA C 304 5.63 0.64 5.55
CA ALA C 304 5.65 -0.80 5.82
C ALA C 304 5.80 -1.61 4.53
N CYS C 305 5.17 -1.15 3.44
CA CYS C 305 5.32 -1.81 2.15
C CYS C 305 6.60 -1.34 1.47
N PRO C 306 7.55 -2.27 1.27
CA PRO C 306 8.84 -1.98 0.66
C PRO C 306 8.71 -1.36 -0.73
N GLU C 307 7.77 -1.86 -1.52
CA GLU C 307 7.60 -1.39 -2.89
C GLU C 307 7.15 0.07 -2.92
N GLY C 308 6.49 0.51 -1.84
CA GLY C 308 6.02 1.87 -1.73
C GLY C 308 7.07 2.88 -1.26
N ARG C 309 8.32 2.44 -1.16
CA ARG C 309 9.42 3.30 -0.72
C ARG C 309 10.19 3.85 -1.93
N PRO C 310 10.64 5.11 -1.85
CA PRO C 310 11.37 5.71 -2.98
C PRO C 310 12.70 5.04 -3.33
N GLU C 311 13.15 5.22 -4.58
CA GLU C 311 14.51 4.86 -5.03
C GLU C 311 15.48 5.95 -4.60
N PHE C 312 16.76 5.62 -4.50
CA PHE C 312 17.70 6.66 -4.03
C PHE C 312 17.85 7.76 -5.05
N SER C 313 17.69 7.40 -6.31
CA SER C 313 17.64 8.38 -7.39
C SER C 313 16.60 9.48 -7.08
N GLU C 314 15.40 9.12 -6.63
CA GLU C 314 14.45 10.17 -6.27
C GLU C 314 14.89 10.93 -5.01
N VAL C 315 15.42 10.19 -4.03
CA VAL C 315 15.86 10.81 -2.78
C VAL C 315 16.97 11.81 -3.03
N VAL C 316 17.96 11.39 -3.84
CA VAL C 316 19.09 12.25 -4.16
C VAL C 316 18.59 13.51 -4.86
N MET C 317 17.84 13.30 -5.94
CA MET C 317 17.32 14.38 -6.74
C MET C 317 16.57 15.40 -5.88
N LYS C 318 15.73 14.90 -4.98
CA LYS C 318 14.95 15.83 -4.19
C LYS C 318 15.76 16.49 -3.08
N LEU C 319 16.68 15.75 -2.47
CA LEU C 319 17.47 16.32 -1.39
C LEU C 319 18.43 17.37 -1.90
N GLU C 320 18.93 17.16 -3.12
CA GLU C 320 19.82 18.12 -3.77
C GLU C 320 19.10 19.39 -4.16
N GLU C 321 17.88 19.22 -4.64
CA GLU C 321 16.99 20.35 -4.94
C GLU C 321 16.77 21.26 -3.72
N CYS C 322 16.81 20.71 -2.50
CA CYS C 322 16.64 21.53 -1.29
C CYS C 322 17.87 22.34 -0.99
N LEU C 323 19.03 21.78 -1.36
CA LEU C 323 20.29 22.43 -1.11
C LEU C 323 20.32 23.76 -1.85
N CYS C 324 19.70 23.79 -3.03
CA CYS C 324 19.63 25.01 -3.80
C CYS C 324 18.79 26.11 -3.16
N ASN C 325 17.91 25.76 -2.23
CA ASN C 325 17.03 26.77 -1.68
C ASN C 325 17.53 27.26 -0.30
N ILE C 326 18.23 26.39 0.42
CA ILE C 326 18.82 26.78 1.69
C ILE C 326 20.02 27.67 1.42
N ILE D 45 17.88 -41.40 9.35
CA ILE D 45 17.00 -42.40 8.71
C ILE D 45 17.16 -43.73 9.42
N LEU D 46 18.40 -44.14 9.69
CA LEU D 46 18.59 -45.32 10.53
C LEU D 46 18.22 -44.92 11.94
N LEU D 47 18.41 -43.63 12.24
CA LEU D 47 18.06 -43.10 13.55
C LEU D 47 16.54 -43.11 13.73
N LEU D 48 15.82 -42.90 12.63
CA LEU D 48 14.36 -42.90 12.60
C LEU D 48 13.82 -44.33 12.74
N ARG D 49 14.46 -45.25 12.03
CA ARG D 49 14.09 -46.67 12.05
C ARG D 49 14.10 -47.20 13.48
N ALA D 50 15.01 -46.67 14.30
CA ALA D 50 15.16 -47.10 15.68
C ALA D 50 14.21 -46.41 16.63
N GLY D 51 14.00 -45.12 16.45
CA GLY D 51 13.14 -44.36 17.33
C GLY D 51 11.66 -44.65 17.16
N LEU D 52 11.24 -45.00 15.94
CA LEU D 52 9.85 -45.35 15.70
C LEU D 52 9.61 -46.73 16.23
N PRO D 53 8.60 -46.86 17.11
CA PRO D 53 8.16 -48.15 17.64
C PRO D 53 7.82 -49.14 16.54
N SER D 54 8.03 -50.43 16.84
CA SER D 54 7.93 -51.48 15.82
C SER D 54 6.54 -51.59 15.22
N HIS D 55 5.51 -51.41 16.03
CA HIS D 55 4.18 -51.64 15.53
C HIS D 55 3.80 -50.64 14.45
N PHE D 56 4.56 -49.56 14.31
CA PHE D 56 4.30 -48.57 13.27
C PHE D 56 5.04 -48.87 11.95
N HIS D 57 6.05 -49.73 12.02
CA HIS D 57 6.76 -50.15 10.81
C HIS D 57 5.83 -50.96 9.92
N LEU D 58 5.80 -50.61 8.65
CA LEU D 58 5.00 -51.33 7.66
C LEU D 58 5.87 -51.77 6.52
N GLN D 59 5.46 -52.86 5.88
CA GLN D 59 6.06 -53.26 4.62
C GLN D 59 5.13 -52.84 3.48
N LEU D 60 5.71 -52.48 2.34
CA LEU D 60 4.92 -52.00 1.20
C LEU D 60 3.80 -52.95 0.77
N SER D 61 4.04 -54.26 0.93
CA SER D 61 3.09 -55.32 0.58
C SER D 61 1.83 -55.31 1.49
N GLU D 62 1.97 -54.69 2.65
CA GLU D 62 0.92 -54.64 3.65
C GLU D 62 -0.13 -53.57 3.30
N ILE D 63 0.21 -52.77 2.30
CA ILE D 63 -0.60 -51.62 1.89
C ILE D 63 -1.24 -51.82 0.52
N GLU D 64 -2.57 -51.72 0.44
CA GLU D 64 -3.26 -51.73 -0.86
C GLU D 64 -3.50 -50.30 -1.35
N PHE D 65 -3.11 -50.00 -2.59
CA PHE D 65 -3.28 -48.68 -3.17
C PHE D 65 -4.44 -48.71 -4.13
N HIS D 66 -5.34 -47.73 -4.09
CA HIS D 66 -6.41 -47.72 -5.07
C HIS D 66 -6.23 -46.59 -6.07
N GLU D 67 -6.78 -45.43 -5.76
CA GLU D 67 -6.76 -44.32 -6.69
C GLU D 67 -6.07 -43.18 -6.03
N ILE D 68 -5.63 -42.24 -6.84
CA ILE D 68 -4.99 -41.05 -6.33
C ILE D 68 -6.05 -40.03 -5.84
N ILE D 69 -5.77 -39.38 -4.72
CA ILE D 69 -6.65 -38.34 -4.18
C ILE D 69 -5.99 -36.98 -4.41
N GLY D 70 -4.66 -36.95 -4.49
CA GLY D 70 -3.96 -35.69 -4.67
C GLY D 70 -2.50 -35.81 -5.04
N SER D 71 -1.92 -34.67 -5.47
CA SER D 71 -0.52 -34.59 -5.90
C SER D 71 0.22 -33.51 -5.13
N GLY D 72 1.54 -33.68 -5.02
CA GLY D 72 2.41 -32.72 -4.37
C GLY D 72 3.83 -32.78 -4.93
N SER D 73 4.76 -32.16 -4.22
CA SER D 73 6.16 -32.18 -4.63
C SER D 73 6.89 -33.37 -4.00
N PHE D 74 6.23 -34.01 -3.04
CA PHE D 74 6.81 -35.13 -2.29
C PHE D 74 6.53 -36.42 -3.04
N GLY D 75 5.37 -36.44 -3.69
CA GLY D 75 4.83 -37.62 -4.36
C GLY D 75 3.34 -37.42 -4.41
N LYS D 76 2.60 -38.52 -4.50
CA LYS D 76 1.15 -38.48 -4.63
C LYS D 76 0.47 -39.07 -3.39
N VAL D 77 -0.80 -38.72 -3.18
CA VAL D 77 -1.54 -39.26 -2.04
C VAL D 77 -2.68 -40.16 -2.50
N TYR D 78 -2.60 -41.43 -2.15
CA TYR D 78 -3.57 -42.42 -2.58
C TYR D 78 -4.59 -42.77 -1.50
N LYS D 79 -5.77 -43.17 -1.95
CA LYS D 79 -6.75 -43.81 -1.10
C LYS D 79 -6.48 -45.28 -1.23
N GLY D 80 -6.39 -45.98 -0.10
CA GLY D 80 -6.12 -47.39 -0.13
C GLY D 80 -6.70 -48.17 1.02
N ARG D 81 -6.17 -49.38 1.20
CA ARG D 81 -6.54 -50.25 2.31
C ARG D 81 -5.28 -50.85 2.98
N CYS D 82 -5.24 -50.76 4.30
CA CYS D 82 -4.08 -51.23 5.07
C CYS D 82 -4.48 -51.57 6.49
N ARG D 83 -4.12 -52.78 6.92
CA ARG D 83 -4.46 -53.26 8.25
C ARG D 83 -5.94 -53.18 8.53
N ASN D 84 -6.72 -53.59 7.54
CA ASN D 84 -8.15 -53.77 7.67
C ASN D 84 -8.91 -52.44 7.88
N LYS D 85 -8.21 -51.36 7.55
CA LYS D 85 -8.78 -50.03 7.59
C LYS D 85 -8.67 -49.40 6.18
N ILE D 86 -9.59 -48.49 5.88
CA ILE D 86 -9.46 -47.62 4.71
C ILE D 86 -8.53 -46.49 5.11
N VAL D 87 -7.48 -46.29 4.32
CA VAL D 87 -6.39 -45.41 4.69
C VAL D 87 -6.05 -44.40 3.61
N ALA D 88 -5.12 -43.51 3.93
CA ALA D 88 -4.61 -42.56 2.95
C ALA D 88 -3.11 -42.74 2.92
N ILE D 89 -2.55 -42.98 1.75
CA ILE D 89 -1.11 -43.25 1.72
C ILE D 89 -0.35 -42.12 1.05
N LYS D 90 0.57 -41.55 1.80
CA LYS D 90 1.39 -40.48 1.29
C LYS D 90 2.66 -41.13 0.77
N ARG D 91 2.76 -41.28 -0.54
CA ARG D 91 3.94 -41.95 -1.08
C ARG D 91 4.95 -40.97 -1.64
N TYR D 92 6.23 -41.29 -1.47
CA TYR D 92 7.31 -40.39 -1.81
C TYR D 92 7.97 -40.80 -3.14
N ARG D 93 8.62 -39.84 -3.81
CA ARG D 93 9.23 -40.09 -5.13
C ARG D 93 10.24 -41.25 -5.09
N SER D 101 17.06 -34.11 1.38
CA SER D 101 16.12 -33.00 1.57
C SER D 101 14.69 -33.51 1.72
N ASP D 102 14.23 -34.28 0.73
CA ASP D 102 12.91 -34.91 0.78
C ASP D 102 12.92 -35.88 1.97
N VAL D 103 14.11 -36.43 2.24
CA VAL D 103 14.33 -37.32 3.38
C VAL D 103 14.24 -36.57 4.71
N ASP D 104 14.82 -35.36 4.77
CA ASP D 104 14.76 -34.52 5.96
C ASP D 104 13.32 -34.16 6.33
N MET D 105 12.43 -34.07 5.33
CA MET D 105 11.01 -33.78 5.57
C MET D 105 10.23 -35.03 5.99
N PHE D 106 10.61 -36.19 5.45
CA PHE D 106 9.98 -37.48 5.77
C PHE D 106 10.15 -37.84 7.24
N CYS D 107 11.37 -37.70 7.75
CA CYS D 107 11.64 -37.96 9.15
C CYS D 107 10.84 -37.03 10.03
N ARG D 108 10.66 -35.78 9.58
CA ARG D 108 9.95 -34.80 10.37
C ARG D 108 8.51 -35.26 10.55
N GLU D 109 7.86 -35.62 9.45
CA GLU D 109 6.48 -36.04 9.51
C GLU D 109 6.28 -37.24 10.42
N VAL D 110 7.08 -38.28 10.19
CA VAL D 110 7.00 -39.50 10.98
C VAL D 110 7.14 -39.19 12.47
N SER D 111 8.11 -38.36 12.81
CA SER D 111 8.34 -37.98 14.20
C SER D 111 7.11 -37.32 14.83
N ILE D 112 6.43 -36.47 14.07
CA ILE D 112 5.21 -35.82 14.53
C ILE D 112 4.05 -36.82 14.65
N LEU D 113 3.84 -37.60 13.59
CA LEU D 113 2.64 -38.45 13.53
C LEU D 113 2.61 -39.52 14.58
N CYS D 114 3.78 -40.03 14.95
CA CYS D 114 3.82 -41.14 15.89
C CYS D 114 3.56 -40.67 17.33
N GLN D 115 3.41 -39.37 17.51
CA GLN D 115 3.15 -38.80 18.82
C GLN D 115 1.70 -38.47 19.00
N LEU D 116 0.96 -38.40 17.90
CA LEU D 116 -0.35 -37.80 17.95
C LEU D 116 -1.42 -38.76 18.45
N ASN D 117 -2.02 -38.39 19.58
CA ASN D 117 -3.20 -39.08 20.05
C ASN D 117 -4.22 -38.07 20.58
N HIS D 118 -5.05 -37.56 19.67
CA HIS D 118 -6.13 -36.65 20.03
C HIS D 118 -7.22 -36.75 18.99
N PRO D 119 -8.49 -36.72 19.44
CA PRO D 119 -9.59 -36.93 18.49
C PRO D 119 -9.77 -35.83 17.44
N CYS D 120 -9.11 -34.67 17.62
CA CYS D 120 -9.24 -33.56 16.69
C CYS D 120 -8.00 -33.38 15.83
N VAL D 121 -7.12 -34.37 15.84
CA VAL D 121 -5.90 -34.38 15.05
C VAL D 121 -5.79 -35.74 14.37
N ILE D 122 -5.28 -35.75 13.14
CA ILE D 122 -5.18 -36.97 12.35
C ILE D 122 -4.49 -38.11 13.07
N GLN D 123 -4.98 -39.32 12.83
CA GLN D 123 -4.39 -40.54 13.39
C GLN D 123 -3.45 -41.25 12.41
N PHE D 124 -2.29 -41.63 12.93
CA PHE D 124 -1.25 -42.33 12.20
C PHE D 124 -1.50 -43.84 12.18
N VAL D 125 -1.29 -44.48 11.03
CA VAL D 125 -1.41 -45.93 10.96
C VAL D 125 -0.04 -46.62 10.96
N GLY D 126 0.92 -46.05 10.23
CA GLY D 126 2.27 -46.58 10.19
C GLY D 126 3.01 -46.00 8.99
N ALA D 127 4.29 -46.33 8.84
CA ALA D 127 5.08 -45.86 7.70
C ALA D 127 6.00 -46.95 7.12
N CYS D 128 6.36 -46.86 5.85
CA CYS D 128 7.28 -47.85 5.28
C CYS D 128 8.72 -47.32 5.17
N LEU D 129 9.70 -48.11 5.65
CA LEU D 129 11.10 -47.64 5.79
C LEU D 129 12.19 -48.59 5.27
N ASN D 130 11.84 -49.54 4.41
CA ASN D 130 12.82 -50.49 3.89
C ASN D 130 13.89 -49.85 2.99
N ASP D 131 13.44 -49.29 1.85
CA ASP D 131 14.36 -48.56 0.98
C ASP D 131 13.72 -47.23 0.65
N PRO D 132 14.55 -46.22 0.30
CA PRO D 132 14.05 -44.88 -0.10
C PRO D 132 13.07 -44.97 -1.27
N SER D 133 13.22 -46.03 -2.07
CA SER D 133 12.29 -46.35 -3.14
C SER D 133 10.93 -46.77 -2.58
N GLN D 134 10.93 -47.25 -1.34
CA GLN D 134 9.71 -47.78 -0.74
C GLN D 134 9.06 -46.87 0.33
N PHE D 135 9.46 -45.60 0.41
CA PHE D 135 8.91 -44.67 1.42
C PHE D 135 7.42 -44.38 1.31
N ALA D 136 6.71 -44.51 2.44
CA ALA D 136 5.26 -44.26 2.48
C ALA D 136 4.78 -43.90 3.89
N ILE D 137 3.68 -43.16 3.93
CA ILE D 137 3.09 -42.77 5.20
C ILE D 137 1.60 -43.03 5.17
N VAL D 138 1.12 -43.74 6.16
CA VAL D 138 -0.26 -44.16 6.20
C VAL D 138 -0.97 -43.56 7.40
N THR D 139 -2.13 -42.96 7.14
CA THR D 139 -2.95 -42.36 8.18
C THR D 139 -4.35 -42.88 7.98
N GLN D 140 -5.25 -42.53 8.90
CA GLN D 140 -6.69 -42.79 8.73
C GLN D 140 -7.19 -42.06 7.50
N TYR D 141 -8.36 -42.45 7.03
CA TYR D 141 -9.01 -41.77 5.91
C TYR D 141 -10.25 -41.05 6.40
N ILE D 142 -10.23 -39.73 6.38
CA ILE D 142 -11.39 -39.00 6.85
C ILE D 142 -12.30 -38.72 5.63
N SER D 143 -13.44 -39.40 5.62
CA SER D 143 -14.27 -39.58 4.42
C SER D 143 -15.07 -38.37 4.01
N GLY D 144 -15.24 -37.42 4.93
CA GLY D 144 -16.05 -36.24 4.65
C GLY D 144 -15.31 -35.21 3.82
N GLY D 145 -14.05 -35.46 3.49
CA GLY D 145 -13.28 -34.57 2.64
C GLY D 145 -12.73 -33.35 3.37
N SER D 146 -12.18 -32.42 2.58
CA SER D 146 -11.65 -31.21 3.17
C SER D 146 -12.75 -30.18 3.40
N LEU D 147 -12.52 -29.32 4.40
CA LEU D 147 -13.39 -28.18 4.71
C LEU D 147 -13.45 -27.19 3.58
N PHE D 148 -12.35 -27.09 2.86
CA PHE D 148 -12.29 -26.21 1.71
C PHE D 148 -13.40 -26.62 0.76
N SER D 149 -13.46 -27.92 0.45
CA SER D 149 -14.47 -28.47 -0.46
C SER D 149 -15.93 -28.26 -0.02
N LEU D 150 -16.21 -28.49 1.26
CA LEU D 150 -17.55 -28.30 1.83
C LEU D 150 -18.04 -26.87 1.65
N LEU D 151 -17.13 -25.90 1.80
CA LEU D 151 -17.50 -24.49 1.76
C LEU D 151 -17.45 -23.86 0.36
N HIS D 152 -16.52 -24.32 -0.46
CA HIS D 152 -16.16 -23.62 -1.69
C HIS D 152 -16.33 -24.42 -2.99
N GLU D 153 -16.46 -25.73 -2.85
CA GLU D 153 -16.71 -26.57 -4.02
C GLU D 153 -18.15 -27.11 -4.04
N GLN D 154 -18.55 -27.81 -2.97
CA GLN D 154 -19.94 -28.27 -2.82
C GLN D 154 -20.81 -27.09 -2.45
N LYS D 155 -20.15 -26.04 -1.96
CA LYS D 155 -20.78 -24.80 -1.52
C LYS D 155 -22.00 -25.15 -0.66
N ARG D 156 -21.77 -25.85 0.43
CA ARG D 156 -22.89 -26.30 1.24
C ARG D 156 -23.27 -25.29 2.29
N ILE D 157 -24.56 -25.13 2.49
CA ILE D 157 -25.03 -24.23 3.51
C ILE D 157 -25.14 -24.97 4.82
N LEU D 158 -24.43 -24.44 5.81
CA LEU D 158 -24.30 -25.09 7.09
C LEU D 158 -25.08 -24.37 8.13
N ASP D 159 -25.54 -25.14 9.10
CA ASP D 159 -26.12 -24.61 10.30
C ASP D 159 -25.03 -23.75 10.98
N LEU D 160 -25.41 -22.77 11.79
CA LEU D 160 -24.42 -22.04 12.58
C LEU D 160 -23.78 -22.94 13.63
N GLN D 161 -24.59 -23.82 14.23
CA GLN D 161 -24.09 -24.73 15.25
C GLN D 161 -23.08 -25.69 14.60
N SER D 162 -23.37 -26.13 13.37
CA SER D 162 -22.42 -26.94 12.61
C SER D 162 -21.10 -26.24 12.42
N LYS D 163 -21.16 -24.95 12.11
CA LYS D 163 -19.97 -24.10 11.93
C LYS D 163 -19.20 -23.98 13.24
N LEU D 164 -19.91 -23.77 14.33
CA LEU D 164 -19.26 -23.65 15.64
C LEU D 164 -18.65 -24.96 16.12
N ILE D 165 -19.22 -26.09 15.70
CA ILE D 165 -18.67 -27.40 16.03
C ILE D 165 -17.30 -27.59 15.36
N ILE D 166 -17.24 -27.32 14.06
CA ILE D 166 -16.00 -27.36 13.31
C ILE D 166 -14.93 -26.46 13.92
N ALA D 167 -15.29 -25.21 14.22
CA ALA D 167 -14.36 -24.25 14.82
C ALA D 167 -13.79 -24.75 16.17
N VAL D 168 -14.66 -25.27 17.03
CA VAL D 168 -14.23 -25.76 18.32
C VAL D 168 -13.32 -26.97 18.16
N ASP D 169 -13.61 -27.82 17.17
CA ASP D 169 -12.78 -29.01 16.92
C ASP D 169 -11.37 -28.66 16.44
N VAL D 170 -11.26 -27.75 15.49
CA VAL D 170 -9.94 -27.32 15.03
C VAL D 170 -9.19 -26.64 16.19
N ALA D 171 -9.88 -25.83 16.98
CA ALA D 171 -9.23 -25.17 18.12
C ALA D 171 -8.76 -26.16 19.18
N LYS D 172 -9.54 -27.20 19.39
CA LYS D 172 -9.17 -28.26 20.32
C LYS D 172 -7.89 -28.99 19.84
N GLY D 173 -7.89 -29.35 18.56
CA GLY D 173 -6.75 -30.02 17.96
C GLY D 173 -5.49 -29.19 18.03
N MET D 174 -5.62 -27.88 17.82
CA MET D 174 -4.47 -27.00 17.86
C MET D 174 -3.95 -26.80 19.27
N GLU D 175 -4.87 -26.72 20.23
CA GLU D 175 -4.49 -26.59 21.62
C GLU D 175 -3.71 -27.82 22.02
N TYR D 176 -4.10 -28.96 21.45
CA TYR D 176 -3.39 -30.20 21.68
C TYR D 176 -1.97 -30.11 21.18
N LEU D 177 -1.82 -29.67 19.93
CA LEU D 177 -0.51 -29.58 19.30
C LEU D 177 0.38 -28.54 20.00
N HIS D 178 -0.21 -27.46 20.47
CA HIS D 178 0.57 -26.41 21.14
C HIS D 178 0.98 -26.73 22.58
N ASN D 179 0.31 -27.71 23.19
CA ASN D 179 0.63 -28.10 24.56
C ASN D 179 1.29 -29.46 24.71
N LEU D 180 1.88 -29.96 23.62
CA LEU D 180 2.71 -31.16 23.70
C LEU D 180 4.00 -30.76 24.41
N THR D 181 4.71 -31.73 24.98
CA THR D 181 5.94 -31.42 25.70
C THR D 181 6.92 -30.67 24.82
N GLN D 182 7.02 -31.10 23.57
CA GLN D 182 7.68 -30.32 22.55
C GLN D 182 6.59 -29.81 21.62
N PRO D 183 6.11 -28.56 21.86
CA PRO D 183 4.97 -27.97 21.17
C PRO D 183 5.23 -27.93 19.65
N ILE D 184 4.17 -28.06 18.86
CA ILE D 184 4.30 -28.15 17.41
C ILE D 184 3.68 -26.93 16.74
N ILE D 185 4.47 -26.13 16.02
CA ILE D 185 3.87 -25.09 15.18
C ILE D 185 3.43 -25.72 13.88
N HIS D 186 2.14 -25.61 13.58
CA HIS D 186 1.60 -26.24 12.38
C HIS D 186 2.17 -25.62 11.09
N ARG D 187 2.22 -24.28 11.04
CA ARG D 187 2.88 -23.52 9.97
C ARG D 187 2.09 -23.48 8.63
N ASP D 188 1.08 -24.33 8.50
CA ASP D 188 0.30 -24.40 7.28
C ASP D 188 -1.18 -24.66 7.55
N LEU D 189 -1.72 -24.08 8.61
CA LEU D 189 -3.12 -24.31 8.92
C LEU D 189 -4.01 -23.57 7.96
N ASN D 190 -4.80 -24.29 7.17
CA ASN D 190 -5.79 -23.67 6.31
C ASN D 190 -6.89 -24.67 6.03
N SER D 191 -7.94 -24.28 5.32
CA SER D 191 -9.10 -25.17 5.17
C SER D 191 -8.84 -26.40 4.31
N HIS D 192 -7.74 -26.42 3.57
CA HIS D 192 -7.38 -27.61 2.80
C HIS D 192 -6.88 -28.71 3.73
N ASN D 193 -6.36 -28.29 4.89
CA ASN D 193 -5.77 -29.15 5.88
C ASN D 193 -6.73 -29.39 7.05
N ILE D 194 -8.01 -29.09 6.86
CA ILE D 194 -8.97 -29.40 7.90
C ILE D 194 -9.95 -30.38 7.35
N LEU D 195 -9.91 -31.60 7.89
CA LEU D 195 -10.73 -32.71 7.39
C LEU D 195 -11.93 -32.94 8.26
N LEU D 196 -12.98 -33.43 7.60
CA LEU D 196 -14.30 -33.59 8.23
C LEU D 196 -14.84 -35.03 8.18
N TYR D 197 -15.39 -35.49 9.31
CA TYR D 197 -16.14 -36.75 9.34
C TYR D 197 -17.55 -36.47 8.77
N GLU D 198 -18.36 -37.52 8.57
CA GLU D 198 -19.73 -37.28 8.10
C GLU D 198 -20.67 -36.90 9.23
N ASP D 199 -20.24 -37.05 10.48
CA ASP D 199 -21.05 -36.49 11.57
C ASP D 199 -20.74 -35.00 11.80
N GLY D 200 -19.83 -34.46 10.98
CA GLY D 200 -19.56 -33.03 11.02
C GLY D 200 -18.51 -32.59 12.03
N HIS D 201 -17.83 -33.56 12.64
CA HIS D 201 -16.69 -33.22 13.46
C HIS D 201 -15.48 -33.06 12.55
N ALA D 202 -14.47 -32.34 13.00
CA ALA D 202 -13.36 -32.00 12.13
C ALA D 202 -12.07 -32.51 12.68
N VAL D 203 -11.06 -32.52 11.84
CA VAL D 203 -9.77 -33.08 12.20
C VAL D 203 -8.68 -32.23 11.61
N VAL D 204 -7.62 -31.98 12.35
CA VAL D 204 -6.53 -31.18 11.85
C VAL D 204 -5.52 -32.08 11.19
N ALA D 205 -5.02 -31.69 10.04
CA ALA D 205 -4.02 -32.49 9.34
C ALA D 205 -3.01 -31.59 8.62
N ASP D 206 -2.03 -32.19 7.94
CA ASP D 206 -1.09 -31.42 7.13
C ASP D 206 -0.73 -32.24 5.89
N PHE D 207 -1.21 -31.79 4.74
CA PHE D 207 -0.94 -32.49 3.48
C PHE D 207 0.51 -32.30 3.02
N GLY D 208 1.22 -31.40 3.69
CA GLY D 208 2.63 -31.24 3.39
C GLY D 208 2.82 -30.52 2.07
N GLU D 209 2.40 -29.26 2.01
CA GLU D 209 2.58 -28.43 0.82
C GLU D 209 3.76 -27.51 1.08
N SER D 210 4.04 -27.28 2.36
CA SER D 210 5.22 -26.55 2.79
C SER D 210 6.28 -27.52 3.34
N PRO D 225 23.47 -10.63 12.59
CA PRO D 225 22.82 -9.99 13.76
C PRO D 225 22.50 -8.51 13.52
N GLY D 226 23.47 -7.59 13.67
CA GLY D 226 23.27 -6.15 13.44
C GLY D 226 22.65 -5.30 14.56
N ASN D 227 22.38 -4.03 14.29
CA ASN D 227 21.66 -3.23 15.28
C ASN D 227 20.20 -3.05 14.87
N LEU D 228 19.30 -3.50 15.73
CA LEU D 228 17.88 -3.67 15.40
C LEU D 228 17.14 -2.36 15.21
N ARG D 229 17.66 -1.32 15.85
CA ARG D 229 17.02 -0.03 15.87
C ARG D 229 16.82 0.61 14.48
N TRP D 230 17.74 0.40 13.54
CA TRP D 230 17.61 0.99 12.22
C TRP D 230 17.17 0.00 11.16
N MET D 231 16.86 -1.22 11.59
CA MET D 231 16.50 -2.29 10.67
C MET D 231 15.11 -2.09 10.07
N ALA D 232 14.99 -2.48 8.82
CA ALA D 232 13.68 -2.50 8.19
C ALA D 232 12.89 -3.62 8.84
N PRO D 233 11.58 -3.42 8.99
CA PRO D 233 10.72 -4.39 9.68
C PRO D 233 10.67 -5.75 8.97
N GLU D 234 10.85 -5.78 7.67
CA GLU D 234 10.84 -7.06 6.99
C GLU D 234 12.16 -7.78 7.24
N VAL D 235 13.15 -7.05 7.74
CA VAL D 235 14.45 -7.62 8.03
C VAL D 235 14.47 -8.07 9.48
N PHE D 236 13.86 -7.27 10.35
CA PHE D 236 13.68 -7.65 11.74
C PHE D 236 12.90 -8.97 11.86
N THR D 237 11.97 -9.18 10.94
CA THR D 237 11.09 -10.34 11.02
C THR D 237 11.82 -11.62 10.65
N GLN D 238 12.87 -11.48 9.84
CA GLN D 238 13.67 -12.62 9.43
C GLN D 238 14.79 -12.93 10.41
N CYS D 239 14.84 -12.24 11.54
CA CYS D 239 15.78 -12.60 12.62
C CYS D 239 15.05 -13.09 13.86
N THR D 240 13.73 -13.06 13.80
CA THR D 240 12.89 -13.45 14.91
C THR D 240 12.25 -14.77 14.52
N ARG D 241 12.41 -15.80 15.35
CA ARG D 241 11.75 -17.06 15.10
C ARG D 241 10.24 -16.84 15.21
N TYR D 242 9.48 -17.42 14.29
CA TYR D 242 8.03 -17.40 14.46
C TYR D 242 7.65 -18.42 15.52
N THR D 243 6.57 -18.13 16.24
CA THR D 243 6.16 -18.95 17.36
C THR D 243 4.82 -19.59 17.08
N ILE D 244 4.24 -20.23 18.09
CA ILE D 244 2.94 -20.85 17.93
C ILE D 244 1.82 -19.85 17.63
N LYS D 245 2.04 -18.58 17.92
CA LYS D 245 1.05 -17.56 17.66
C LYS D 245 0.73 -17.39 16.17
N ALA D 246 1.58 -17.95 15.31
CA ALA D 246 1.37 -17.88 13.88
C ALA D 246 0.19 -18.77 13.49
N ASP D 247 -0.04 -19.80 14.28
CA ASP D 247 -1.13 -20.71 13.99
C ASP D 247 -2.45 -20.05 14.42
N VAL D 248 -2.37 -19.11 15.35
CA VAL D 248 -3.59 -18.39 15.80
C VAL D 248 -4.03 -17.40 14.75
N PHE D 249 -3.08 -16.77 14.09
CA PHE D 249 -3.41 -15.86 13.01
C PHE D 249 -4.10 -16.67 11.93
N SER D 250 -3.49 -17.77 11.55
CA SER D 250 -4.02 -18.61 10.49
C SER D 250 -5.39 -19.17 10.88
N TYR D 251 -5.57 -19.47 12.14
CA TYR D 251 -6.86 -19.96 12.61
C TYR D 251 -7.94 -18.88 12.42
N ALA D 252 -7.62 -17.65 12.81
CA ALA D 252 -8.54 -16.51 12.68
C ALA D 252 -9.03 -16.36 11.26
N LEU D 253 -8.16 -16.61 10.28
CA LEU D 253 -8.58 -16.57 8.89
C LEU D 253 -9.53 -17.72 8.55
N CYS D 254 -9.26 -18.90 9.10
CA CYS D 254 -10.11 -20.07 8.88
C CYS D 254 -11.48 -19.90 9.52
N LEU D 255 -11.50 -19.30 10.71
CA LEU D 255 -12.76 -19.09 11.42
C LEU D 255 -13.67 -18.13 10.65
N TRP D 256 -13.08 -17.07 10.11
CA TRP D 256 -13.80 -16.12 9.27
C TRP D 256 -14.31 -16.81 7.99
N GLU D 257 -13.48 -17.69 7.45
CA GLU D 257 -13.81 -18.46 6.25
C GLU D 257 -14.97 -19.46 6.54
N ILE D 258 -15.06 -19.92 7.78
CA ILE D 258 -16.17 -20.77 8.18
C ILE D 258 -17.47 -19.99 8.32
N LEU D 259 -17.42 -18.89 9.05
CA LEU D 259 -18.61 -18.13 9.36
C LEU D 259 -19.23 -17.51 8.11
N THR D 260 -18.40 -17.07 7.16
CA THR D 260 -18.88 -16.43 5.94
C THR D 260 -19.04 -17.37 4.73
N GLY D 261 -18.42 -18.54 4.82
CA GLY D 261 -18.38 -19.47 3.70
C GLY D 261 -17.67 -18.84 2.52
N GLU D 262 -16.73 -17.95 2.82
CA GLU D 262 -16.02 -17.19 1.79
C GLU D 262 -14.51 -17.34 1.95
N ILE D 263 -13.82 -17.41 0.82
CA ILE D 263 -12.37 -17.46 0.81
C ILE D 263 -11.83 -16.09 1.23
N PRO D 264 -10.79 -16.08 2.08
CA PRO D 264 -10.16 -14.82 2.49
C PRO D 264 -9.57 -14.11 1.29
N PHE D 265 -10.00 -12.88 1.04
CA PHE D 265 -9.44 -12.13 -0.07
C PHE D 265 -9.64 -12.90 -1.35
N ALA D 266 -10.90 -13.22 -1.62
CA ALA D 266 -11.26 -14.07 -2.75
C ALA D 266 -10.86 -13.43 -4.08
N HIS D 267 -10.81 -12.10 -4.10
CA HIS D 267 -10.57 -11.38 -5.33
C HIS D 267 -9.08 -11.27 -5.65
N LEU D 268 -8.24 -11.87 -4.81
CA LEU D 268 -6.80 -11.73 -4.98
C LEU D 268 -6.13 -13.07 -5.18
N LYS D 269 -4.94 -13.04 -5.79
CA LYS D 269 -4.13 -14.23 -5.85
C LYS D 269 -3.37 -14.40 -4.52
N PRO D 270 -3.04 -15.65 -4.14
CA PRO D 270 -2.45 -15.98 -2.83
C PRO D 270 -1.31 -15.07 -2.36
N ALA D 271 -0.35 -14.72 -3.22
CA ALA D 271 0.75 -13.86 -2.77
C ALA D 271 0.28 -12.43 -2.52
N ALA D 272 -0.69 -11.99 -3.30
CA ALA D 272 -1.27 -10.66 -3.11
C ALA D 272 -1.95 -10.62 -1.78
N ALA D 273 -2.68 -11.67 -1.45
CA ALA D 273 -3.39 -11.74 -0.20
C ALA D 273 -2.41 -11.70 0.94
N ALA D 274 -1.30 -12.41 0.79
CA ALA D 274 -0.30 -12.45 1.83
C ALA D 274 0.34 -11.09 2.08
N ALA D 275 0.70 -10.42 0.99
CA ALA D 275 1.37 -9.12 1.06
C ALA D 275 0.41 -8.03 1.54
N ASP D 276 -0.84 -8.10 1.11
CA ASP D 276 -1.82 -7.13 1.57
C ASP D 276 -1.98 -7.23 3.09
N MET D 277 -1.73 -8.40 3.64
CA MET D 277 -1.87 -8.57 5.09
C MET D 277 -0.68 -8.08 5.87
N ALA D 278 0.51 -8.27 5.30
CA ALA D 278 1.75 -8.00 6.02
C ALA D 278 2.15 -6.55 5.89
N TYR D 279 1.98 -6.02 4.68
CA TYR D 279 2.45 -4.69 4.36
C TYR D 279 1.35 -3.63 4.52
N HIS D 280 0.12 -3.93 4.13
CA HIS D 280 -0.93 -2.93 4.17
C HIS D 280 -1.93 -3.15 5.29
N HIS D 281 -1.66 -4.20 6.08
CA HIS D 281 -2.39 -4.53 7.30
C HIS D 281 -3.91 -4.71 7.08
N ILE D 282 -4.23 -5.23 5.89
CA ILE D 282 -5.57 -5.57 5.48
C ILE D 282 -5.97 -6.87 6.15
N ARG D 283 -7.20 -6.88 6.64
CA ARG D 283 -7.84 -8.03 7.25
C ARG D 283 -9.13 -8.20 6.50
N PRO D 284 -9.76 -9.37 6.62
CA PRO D 284 -11.10 -9.64 6.08
C PRO D 284 -12.20 -8.80 6.74
N PRO D 285 -13.30 -8.56 6.02
CA PRO D 285 -14.45 -7.78 6.50
C PRO D 285 -15.28 -8.41 7.64
N ILE D 286 -15.35 -7.73 8.78
CA ILE D 286 -16.27 -8.09 9.86
C ILE D 286 -17.57 -7.30 9.82
N GLY D 287 -18.60 -7.91 9.25
CA GLY D 287 -19.92 -7.31 9.24
C GLY D 287 -20.53 -7.23 10.63
N TYR D 288 -21.67 -6.55 10.75
CA TYR D 288 -22.44 -6.57 12.00
C TYR D 288 -23.05 -7.98 12.16
N SER D 289 -23.10 -8.73 11.05
CA SER D 289 -23.65 -10.09 11.01
C SER D 289 -22.89 -11.12 11.86
N ILE D 290 -21.55 -11.02 11.91
CA ILE D 290 -20.73 -11.87 12.79
C ILE D 290 -20.98 -11.52 14.27
N PRO D 291 -21.39 -12.53 15.06
CA PRO D 291 -21.70 -12.40 16.49
C PRO D 291 -20.68 -11.56 17.28
N LYS D 292 -21.18 -10.80 18.25
CA LYS D 292 -20.38 -9.86 19.04
C LYS D 292 -19.15 -10.45 19.75
N PRO D 293 -19.31 -11.58 20.48
CA PRO D 293 -18.12 -12.08 21.19
C PRO D 293 -17.07 -12.69 20.25
N ILE D 294 -17.55 -13.19 19.11
CA ILE D 294 -16.71 -13.84 18.13
C ILE D 294 -15.85 -12.85 17.35
N SER D 295 -16.46 -11.76 16.88
CA SER D 295 -15.73 -10.73 16.14
C SER D 295 -14.55 -10.21 16.94
N SER D 296 -14.70 -10.16 18.26
CA SER D 296 -13.64 -9.70 19.13
C SER D 296 -12.43 -10.63 19.09
N LEU D 297 -12.69 -11.94 19.02
CA LEU D 297 -11.62 -12.92 18.94
C LEU D 297 -10.86 -12.80 17.63
N LEU D 298 -11.59 -12.64 16.52
CA LEU D 298 -10.95 -12.53 15.22
C LEU D 298 -9.97 -11.37 15.26
N ILE D 299 -10.48 -10.20 15.65
CA ILE D 299 -9.65 -9.00 15.68
C ILE D 299 -8.38 -9.29 16.48
N ARG D 300 -8.52 -9.92 17.64
CA ARG D 300 -7.36 -10.22 18.44
C ARG D 300 -6.57 -11.35 17.79
N GLY D 301 -7.27 -12.24 17.11
CA GLY D 301 -6.63 -13.40 16.53
C GLY D 301 -5.69 -13.02 15.41
N TRP D 302 -6.12 -12.14 14.52
CA TRP D 302 -5.30 -11.75 13.38
C TRP D 302 -4.63 -10.41 13.59
N ASN D 303 -4.27 -10.15 14.85
CA ASN D 303 -3.49 -8.99 15.19
C ASN D 303 -2.06 -9.07 14.60
N ALA D 304 -1.51 -7.90 14.25
CA ALA D 304 -0.16 -7.83 13.71
C ALA D 304 0.95 -8.26 14.70
N CYS D 305 0.77 -7.91 15.98
CA CYS D 305 1.67 -8.33 17.07
C CYS D 305 1.33 -9.74 17.53
N PRO D 306 2.27 -10.69 17.34
CA PRO D 306 2.08 -12.10 17.70
C PRO D 306 1.68 -12.25 19.16
N GLU D 307 2.28 -11.43 20.02
CA GLU D 307 2.08 -11.45 21.46
C GLU D 307 0.69 -11.03 21.87
N GLY D 308 0.05 -10.22 21.04
CA GLY D 308 -1.30 -9.75 21.31
C GLY D 308 -2.40 -10.70 20.88
N ARG D 309 -2.02 -11.88 20.42
CA ARG D 309 -2.99 -12.88 19.94
C ARG D 309 -3.26 -13.89 21.05
N PRO D 310 -4.51 -14.39 21.13
CA PRO D 310 -4.93 -15.34 22.17
C PRO D 310 -4.17 -16.67 22.10
N GLU D 311 -4.14 -17.42 23.20
CA GLU D 311 -3.69 -18.81 23.16
C GLU D 311 -4.89 -19.66 22.77
N PHE D 312 -4.69 -20.87 22.28
CA PHE D 312 -5.84 -21.70 21.87
C PHE D 312 -6.75 -22.13 23.03
N SER D 313 -6.22 -22.26 24.25
CA SER D 313 -7.06 -22.52 25.43
C SER D 313 -8.18 -21.49 25.62
N GLU D 314 -7.86 -20.20 25.46
CA GLU D 314 -8.86 -19.14 25.54
C GLU D 314 -9.85 -19.21 24.37
N VAL D 315 -9.34 -19.52 23.19
CA VAL D 315 -10.16 -19.64 21.98
C VAL D 315 -11.21 -20.71 22.18
N VAL D 316 -10.80 -21.85 22.74
CA VAL D 316 -11.68 -22.96 23.03
C VAL D 316 -12.78 -22.58 24.02
N MET D 317 -12.37 -22.06 25.17
CA MET D 317 -13.31 -21.64 26.20
C MET D 317 -14.36 -20.67 25.70
N LYS D 318 -13.94 -19.65 24.97
CA LYS D 318 -14.89 -18.64 24.50
C LYS D 318 -15.75 -19.16 23.37
N LEU D 319 -15.21 -20.02 22.52
CA LEU D 319 -16.01 -20.58 21.45
C LEU D 319 -17.05 -21.57 21.98
N GLU D 320 -16.73 -22.25 23.07
CA GLU D 320 -17.65 -23.19 23.67
C GLU D 320 -18.81 -22.45 24.32
N GLU D 321 -18.47 -21.37 25.00
CA GLU D 321 -19.42 -20.47 25.65
C GLU D 321 -20.47 -20.00 24.65
N CYS D 322 -20.08 -19.93 23.38
CA CYS D 322 -20.98 -19.58 22.29
C CYS D 322 -21.83 -20.76 21.88
N LEU D 323 -21.30 -21.96 22.01
CA LEU D 323 -22.07 -23.15 21.63
C LEU D 323 -23.29 -23.36 22.52
N CYS D 324 -23.15 -23.07 23.81
CA CYS D 324 -24.27 -23.24 24.74
C CYS D 324 -25.40 -22.24 24.46
N ASN D 325 -25.04 -21.16 23.78
CA ASN D 325 -25.94 -20.05 23.48
C ASN D 325 -26.42 -19.94 22.01
N ILE D 326 -25.66 -20.49 21.08
CA ILE D 326 -26.01 -20.44 19.65
C ILE D 326 -27.09 -21.43 19.22
N1 ZFS E . -27.01 21.82 20.21
C2 ZFS E . -27.15 22.22 18.89
O2 ZFS E . -28.74 20.76 14.58
C3 ZFS E . -27.74 21.18 18.01
O3 ZFS E . -27.59 15.43 11.19
C4 ZFS E . -27.95 21.48 16.69
C5 ZFS E . -28.51 20.48 15.91
C7 ZFS E . -27.84 18.92 13.29
C8 ZFS E . -28.04 17.94 12.35
C9 ZFS E . -29.29 17.73 11.76
C10 ZFS E . -28.59 15.70 10.54
C11 ZFS E . -28.17 13.99 8.89
C12 ZFS E . -28.16 13.85 7.52
C13 ZFS E . -27.39 12.87 6.94
C14 ZFS E . -26.62 12.03 7.72
C15 ZFS E . -26.64 12.18 9.09
C16 ZFS E . -27.41 13.15 9.68
C17 ZFS E . -25.82 11.29 9.94
C18 ZFS E . -30.34 18.53 12.13
C20 ZFS E . -28.83 19.27 16.47
C21 ZFS E . -28.58 19.08 17.80
C1 ZFS E . -26.31 22.66 21.14
O1 ZFS E . -26.86 23.33 18.46
C6 ZFS E . -28.90 19.72 13.65
N2 ZFS E . -29.50 16.73 10.79
N3 ZFS E . -28.98 14.99 9.44
F1 ZFS E . -25.86 9.99 9.51
F2 ZFS E . -24.50 11.67 9.98
F3 ZFS E . -26.21 11.31 11.24
C19 ZFS E . -30.13 19.52 13.06
N4 ZFS E . -28.04 20.02 18.60
N1 ZFS F . -2.19 5.23 -39.31
C2 ZFS F . -3.39 5.13 -38.65
O2 ZFS F . -6.99 7.64 -36.63
C3 ZFS F . -4.01 6.43 -38.30
O3 ZFS F . -6.91 12.88 -33.08
C4 ZFS F . -5.21 6.42 -37.62
C5 ZFS F . -5.78 7.64 -37.31
C7 ZFS F . -6.85 9.22 -34.81
C8 ZFS F . -7.32 10.35 -34.18
C9 ZFS F . -8.38 11.06 -34.72
C10 ZFS F . -8.13 12.94 -33.17
C11 ZFS F . -8.49 14.57 -31.35
C12 ZFS F . -9.41 15.04 -30.43
C13 ZFS F . -9.04 15.90 -29.43
C14 ZFS F . -7.74 16.31 -29.31
C15 ZFS F . -6.81 15.85 -30.22
C16 ZFS F . -7.18 15.00 -31.24
C17 ZFS F . -5.40 16.30 -30.10
C18 ZFS F . -8.96 10.64 -35.89
C20 ZFS F . -5.14 8.79 -37.69
C21 ZFS F . -3.95 8.67 -38.36
C1 ZFS F . -1.43 4.02 -39.38
O1 ZFS F . -3.92 4.06 -38.39
C6 ZFS F . -7.43 8.80 -35.98
N2 ZFS F . -8.88 12.23 -34.10
N3 ZFS F . -8.95 13.70 -32.37
F1 ZFS F . -5.29 17.46 -29.43
F2 ZFS F . -4.64 15.44 -29.38
F3 ZFS F . -4.78 16.49 -31.31
C19 ZFS F . -8.50 9.50 -36.52
N4 ZFS F . -3.34 7.52 -38.69
N1 ZFS G . 37.35 7.17 11.60
C2 ZFS G . 37.57 5.86 11.90
O2 ZFS G . 37.17 1.50 10.05
C3 ZFS G . 37.52 4.98 10.73
O3 ZFS G . 33.36 -0.56 5.39
C4 ZFS G . 37.38 3.64 10.97
C5 ZFS G . 37.32 2.85 9.84
C7 ZFS G . 35.41 0.87 8.55
C8 ZFS G . 34.96 0.07 7.53
C9 ZFS G . 35.76 -0.90 6.97
C10 ZFS G . 34.06 -1.55 5.27
C11 ZFS G . 32.58 -2.73 3.67
C12 ZFS G . 32.24 -3.98 3.23
C13 ZFS G . 31.13 -4.17 2.44
C14 ZFS G . 30.33 -3.12 2.07
C15 ZFS G . 30.67 -1.86 2.52
C16 ZFS G . 31.78 -1.68 3.30
C17 ZFS G . 29.82 -0.71 2.13
C18 ZFS G . 37.04 -1.06 7.44
C20 ZFS G . 37.42 3.41 8.59
C21 ZFS G . 37.57 4.77 8.47
C1 ZFS G . 37.65 8.17 12.58
O1 ZFS G . 37.82 5.43 13.02
C6 ZFS G . 36.69 0.71 9.01
N2 ZFS G . 35.29 -1.73 5.92
N3 ZFS G . 33.74 -2.62 4.47
F1 ZFS G . 29.26 -0.82 0.89
F2 ZFS G . 28.79 -0.51 3.01
F3 ZFS G . 30.51 0.45 2.15
C19 ZFS G . 37.50 -0.26 8.45
N4 ZFS G . 37.62 5.59 9.53
N1 ZFS H . -10.53 -37.81 2.62
C2 ZFS H . -9.26 -37.72 2.09
O2 ZFS H . -4.55 -37.68 3.21
C3 ZFS H . -8.18 -37.76 3.10
O3 ZFS H . -1.62 -35.19 8.27
C4 ZFS H . -6.87 -37.70 2.67
C5 ZFS H . -5.88 -37.74 3.64
C7 ZFS H . -3.55 -36.05 4.72
C8 ZFS H . -2.52 -35.70 5.57
C9 ZFS H . -1.50 -36.60 5.80
C10 ZFS H . -0.56 -35.60 7.83
C11 ZFS H . 0.93 -34.39 9.38
C12 ZFS H . 2.17 -33.80 9.38
C13 ZFS H . 2.48 -32.79 10.27
C14 ZFS H . 1.52 -32.37 11.16
C15 ZFS H . 0.28 -32.96 11.16
C16 ZFS H . -0.02 -33.96 10.27
C17 ZFS H . -0.74 -32.48 12.13
C18 ZFS H . -1.50 -37.82 5.19
C20 ZFS H . -6.22 -37.83 4.96
C21 ZFS H . -7.57 -37.88 5.27
C1 ZFS H . -11.65 -37.63 1.75
O1 ZFS H . -9.02 -37.59 0.89
C6 ZFS H . -3.56 -37.28 4.10
N2 ZFS H . -0.42 -36.32 6.66
N3 ZFS H . 0.66 -35.41 8.44
F1 ZFS H . -0.14 -32.11 13.28
F2 ZFS H . -1.44 -31.39 11.71
F3 ZFS H . -1.71 -33.40 12.47
C19 ZFS H . -2.53 -38.17 4.33
N4 ZFS H . -8.56 -37.85 4.38
#